data_8TV5
#
_entry.id   8TV5
#
_cell.length_a   92.879
_cell.length_b   72.888
_cell.length_c   241.962
_cell.angle_alpha   90.000
_cell.angle_beta   89.040
_cell.angle_gamma   90.000
#
_symmetry.space_group_name_H-M   'C 1 2 1'
#
loop_
_entity.id
_entity.type
_entity.pdbx_description
1 polymer 'S1CE variant of Fab_L1 heavy chain'
2 polymer 'S1CE variant of Fab_L1 light chain'
3 polymer 'Ephrin type-A receptor 2'
4 non-polymer 'MAGNESIUM ION'
#
loop_
_entity_poly.entity_id
_entity_poly.type
_entity_poly.pdbx_seq_one_letter_code
_entity_poly.pdbx_strand_id
1 'polypeptide(L)'
;EVQLVESGGGLVQPGGSLRLSCAASGFTISSSYIHWVRQAPGKGLEWVASISSYYGSTSYADSVKGRFTISADTSKNTAY
LQMNSLRAEDTAVYYCARSHYSVWWGWHSVSYYAAFDYWGQGTLVTVFNQIKGPSVFPLAPSSKSTSGGTAALGCLVKDY
FPEPVTVSWNSGALTSGVHTFPAVLQSSGLYSLSSVVTVPSSSLGTQTYICNVNHKPSNTKVDKKVEPKSCDKTHT
;
A
2 'polypeptide(L)'
;DIQMTQSPSSLSASVGDRVTITCRASQSVSSAVAWYQQKPGKAPKLLIYSASSLYSGVPSRFSGSRSGTDFTLTISSLQP
EDFATYYCQQGSAPFTFGQGTKVEIKRTVAAPSVFIFPPSDEQLKSGTASVVCLLNNFYPREAKVSWYVDNALQSGNSQE
SVTEQDSKDSTYSLSSTLTLSKADYEKHKVYACEVTQGTTSVTKSFNRGEC
;
B
3 'polypeptide(L)'
;AAQGKEVVLLDFAAAGGELGWLTHPYGKGWDLMQNIMNDMPIYMYSVCNVMSGDQDNWLRTNWVYRGEAERIFIELKFTV
RDCNSFPGGASSCKETFNLYYAESDLDYGTNFQKRLFTKIDTIAPDEITVSSDFEARHVKLNVEERSVGPLTRKGFYLAF
QDIGACVALLSVRVYYKKCPELLQGLAHFPETIAGSDAPSLATVAGTCVDHAVVPPGGEEPRMHCAVDGEWLVPIGQCLC
QAGYEKVEDACQACSPGFFKFEASESPCLECPEHTLPSPEGATSCECEEGFFRAPQDPASMPCTLVPR
;
F,C
#
loop_
_chem_comp.id
_chem_comp.type
_chem_comp.name
_chem_comp.formula
MG non-polymer 'MAGNESIUM ION' 'Mg 2'
#
# COMPACT_ATOMS: atom_id res chain seq x y z
N GLU A 1 -16.28 1.91 27.20
CA GLU A 1 -15.36 3.05 27.26
C GLU A 1 -15.58 3.99 26.06
N VAL A 2 -15.51 3.42 24.86
CA VAL A 2 -15.71 4.20 23.64
C VAL A 2 -17.18 4.54 23.51
N GLN A 3 -17.53 5.79 23.80
CA GLN A 3 -18.91 6.22 23.89
C GLN A 3 -19.15 7.41 22.95
N LEU A 4 -20.35 7.45 22.38
CA LEU A 4 -20.77 8.55 21.51
C LEU A 4 -22.17 8.99 21.91
N VAL A 5 -22.33 10.30 22.13
CA VAL A 5 -23.57 10.88 22.63
C VAL A 5 -23.96 12.04 21.73
N GLU A 6 -25.23 12.10 21.35
CA GLU A 6 -25.76 13.14 20.48
C GLU A 6 -26.75 14.00 21.23
N SER A 7 -26.70 15.31 20.98
CA SER A 7 -27.61 16.26 21.60
C SER A 7 -27.86 17.42 20.65
N GLY A 8 -29.02 18.06 20.83
CA GLY A 8 -29.36 19.22 20.01
C GLY A 8 -30.66 19.09 19.26
N GLY A 9 -31.43 18.04 19.56
CA GLY A 9 -32.67 17.82 18.86
C GLY A 9 -33.78 18.76 19.29
N GLY A 10 -34.86 18.74 18.52
CA GLY A 10 -36.01 19.58 18.81
C GLY A 10 -36.78 19.86 17.53
N LEU A 11 -37.64 20.87 17.59
CA LEU A 11 -38.45 21.30 16.47
C LEU A 11 -38.00 22.68 16.01
N VAL A 12 -37.73 22.80 14.71
CA VAL A 12 -37.30 24.06 14.12
C VAL A 12 -38.18 24.35 12.91
N GLN A 13 -38.33 25.63 12.59
CA GLN A 13 -39.20 26.02 11.50
C GLN A 13 -38.65 25.55 10.16
N PRO A 14 -39.51 25.36 9.16
CA PRO A 14 -39.02 25.01 7.82
C PRO A 14 -38.08 26.09 7.28
N GLY A 15 -36.88 25.68 6.90
CA GLY A 15 -35.85 26.60 6.52
C GLY A 15 -35.02 27.15 7.67
N GLY A 16 -35.30 26.72 8.91
CA GLY A 16 -34.56 27.17 10.05
C GLY A 16 -33.20 26.51 10.17
N SER A 17 -32.50 26.86 11.25
CA SER A 17 -31.16 26.34 11.52
C SER A 17 -31.15 25.61 12.85
N LEU A 18 -30.54 24.42 12.86
CA LEU A 18 -30.33 23.65 14.07
C LEU A 18 -28.87 23.23 14.13
N ARG A 19 -28.39 22.93 15.34
CA ARG A 19 -27.04 22.45 15.54
C ARG A 19 -27.08 21.17 16.36
N LEU A 20 -26.44 20.12 15.84
CA LEU A 20 -26.33 18.84 16.53
C LEU A 20 -24.87 18.61 16.90
N SER A 21 -24.65 18.03 18.08
CA SER A 21 -23.31 17.81 18.60
C SER A 21 -23.15 16.36 19.01
N CYS A 22 -22.06 15.74 18.57
CA CYS A 22 -21.69 14.38 18.95
C CYS A 22 -20.51 14.47 19.91
N ALA A 23 -20.73 14.05 21.15
CA ALA A 23 -19.69 14.07 22.17
C ALA A 23 -18.99 12.72 22.20
N ALA A 24 -17.70 12.72 21.90
CA ALA A 24 -16.92 11.48 21.82
C ALA A 24 -16.25 11.19 23.15
N SER A 25 -16.31 9.93 23.57
CA SER A 25 -15.72 9.50 24.83
C SER A 25 -14.96 8.19 24.62
N GLY A 26 -13.88 8.03 25.39
CA GLY A 26 -13.11 6.80 25.38
C GLY A 26 -12.13 6.66 24.24
N PHE A 27 -12.04 7.64 23.35
CA PHE A 27 -11.13 7.56 22.22
C PHE A 27 -10.85 8.96 21.70
N THR A 28 -9.80 9.08 20.91
CA THR A 28 -9.41 10.34 20.28
C THR A 28 -9.94 10.37 18.85
N ILE A 29 -10.70 11.42 18.53
CA ILE A 29 -11.24 11.57 17.18
C ILE A 29 -10.15 11.82 16.15
N SER A 30 -8.92 12.07 16.58
CA SER A 30 -7.82 12.26 15.64
C SER A 30 -7.48 10.98 14.90
N SER A 31 -7.63 9.82 15.56
CA SER A 31 -7.27 8.54 14.98
C SER A 31 -8.46 7.82 14.34
N SER A 32 -9.51 8.56 13.99
CA SER A 32 -10.70 7.95 13.39
C SER A 32 -11.49 9.03 12.67
N TYR A 33 -12.29 8.60 11.69
CA TYR A 33 -13.24 9.55 11.12
C TYR A 33 -14.51 9.64 11.98
N ILE A 34 -15.30 10.67 11.69
CA ILE A 34 -16.58 10.90 12.32
C ILE A 34 -17.63 10.94 11.23
N HIS A 35 -18.74 10.20 11.43
CA HIS A 35 -19.80 10.13 10.44
C HIS A 35 -21.11 10.63 11.06
N TRP A 36 -22.03 11.02 10.18
CA TRP A 36 -23.40 11.36 10.55
C TRP A 36 -24.33 10.60 9.62
N VAL A 37 -25.20 9.77 10.19
CA VAL A 37 -26.15 8.96 9.44
C VAL A 37 -27.55 9.25 9.96
N ARG A 38 -28.45 9.61 9.05
CA ARG A 38 -29.84 9.90 9.39
C ARG A 38 -30.73 8.73 8.99
N GLN A 39 -31.90 8.65 9.64
CA GLN A 39 -32.88 7.61 9.37
C GLN A 39 -34.25 8.25 9.25
N ALA A 40 -34.76 8.33 8.03
CA ALA A 40 -36.09 8.88 7.81
C ALA A 40 -37.15 7.95 8.41
N PRO A 41 -38.32 8.49 8.78
CA PRO A 41 -39.36 7.65 9.40
C PRO A 41 -39.87 6.57 8.46
N GLY A 42 -39.57 5.30 8.79
CA GLY A 42 -40.03 4.17 8.01
C GLY A 42 -39.11 3.75 6.89
N LYS A 43 -38.02 4.48 6.64
CA LYS A 43 -37.08 4.17 5.58
C LYS A 43 -35.76 3.67 6.16
N GLY A 44 -34.79 3.46 5.28
CA GLY A 44 -33.49 2.95 5.66
C GLY A 44 -32.54 4.04 6.11
N LEU A 45 -31.28 3.64 6.28
CA LEU A 45 -30.23 4.56 6.70
C LEU A 45 -29.64 5.31 5.51
N GLU A 46 -29.26 6.56 5.75
CA GLU A 46 -28.65 7.40 4.72
C GLU A 46 -27.46 8.12 5.33
N TRP A 47 -26.31 8.02 4.66
CA TRP A 47 -25.11 8.71 5.10
C TRP A 47 -25.17 10.19 4.70
N VAL A 48 -24.70 11.05 5.60
CA VAL A 48 -24.79 12.50 5.43
C VAL A 48 -23.42 13.14 5.23
N ALA A 49 -22.54 13.02 6.22
CA ALA A 49 -21.28 13.75 6.17
C ALA A 49 -20.18 12.96 6.86
N SER A 50 -18.94 13.31 6.54
CA SER A 50 -17.76 12.72 7.15
C SER A 50 -16.73 13.82 7.37
N ILE A 51 -15.83 13.61 8.34
CA ILE A 51 -14.80 14.58 8.66
C ILE A 51 -13.56 13.84 9.14
N SER A 52 -12.43 14.53 9.09
CA SER A 52 -11.11 13.92 9.25
C SER A 52 -10.24 14.77 10.17
N SER A 53 -10.75 15.04 11.38
CA SER A 53 -10.22 16.08 12.26
C SER A 53 -8.69 16.13 12.33
N TYR A 54 -8.02 15.00 12.17
CA TYR A 54 -6.57 15.03 12.05
C TYR A 54 -6.13 15.66 10.73
N TYR A 55 -6.79 15.31 9.63
CA TYR A 55 -6.44 15.83 8.32
C TYR A 55 -7.33 16.98 7.88
N GLY A 56 -8.58 17.03 8.34
CA GLY A 56 -9.52 18.06 7.95
C GLY A 56 -10.30 17.78 6.69
N SER A 57 -10.12 16.61 6.07
CA SER A 57 -10.86 16.30 4.85
C SER A 57 -12.33 16.03 5.17
N THR A 58 -13.21 16.54 4.31
CA THR A 58 -14.65 16.44 4.49
C THR A 58 -15.27 15.81 3.25
N SER A 59 -16.55 15.44 3.39
CA SER A 59 -17.31 14.85 2.30
C SER A 59 -18.78 14.86 2.67
N TYR A 60 -19.64 15.19 1.70
CA TYR A 60 -21.08 15.26 1.90
C TYR A 60 -21.79 14.57 0.76
N ALA A 61 -23.02 14.13 1.03
CA ALA A 61 -23.89 13.58 0.01
C ALA A 61 -24.64 14.69 -0.70
N ASP A 62 -25.01 14.43 -1.95
CA ASP A 62 -25.75 15.43 -2.74
C ASP A 62 -27.13 15.72 -2.18
N SER A 63 -27.64 14.88 -1.28
CA SER A 63 -28.90 15.19 -0.61
C SER A 63 -28.78 16.45 0.23
N VAL A 64 -27.64 16.62 0.90
CA VAL A 64 -27.41 17.74 1.81
C VAL A 64 -26.18 18.56 1.41
N LYS A 65 -25.68 18.37 0.19
CA LYS A 65 -24.48 19.07 -0.24
C LYS A 65 -24.68 20.58 -0.18
N GLY A 66 -23.73 21.27 0.45
CA GLY A 66 -23.80 22.72 0.59
C GLY A 66 -24.64 23.17 1.77
N ARG A 67 -25.80 22.56 1.95
CA ARG A 67 -26.71 22.97 3.02
C ARG A 67 -26.22 22.52 4.39
N PHE A 68 -25.63 21.33 4.48
CA PHE A 68 -25.16 20.80 5.75
C PHE A 68 -23.63 20.92 5.83
N THR A 69 -23.14 21.22 7.02
CA THR A 69 -21.71 21.39 7.26
C THR A 69 -21.31 20.63 8.51
N ILE A 70 -20.21 19.88 8.42
CA ILE A 70 -19.68 19.11 9.54
C ILE A 70 -18.40 19.77 10.02
N SER A 71 -18.24 19.83 11.35
CA SER A 71 -17.07 20.45 11.95
C SER A 71 -16.58 19.59 13.11
N ALA A 72 -15.32 19.81 13.50
CA ALA A 72 -14.72 19.06 14.60
C ALA A 72 -13.83 19.99 15.40
N ASP A 73 -14.30 20.38 16.60
CA ASP A 73 -13.47 21.09 17.56
C ASP A 73 -12.55 20.06 18.18
N THR A 74 -11.36 19.90 17.60
CA THR A 74 -10.42 18.87 18.04
C THR A 74 -9.93 19.11 19.47
N SER A 75 -10.12 20.31 20.02
CA SER A 75 -9.73 20.58 21.39
C SER A 75 -10.67 19.97 22.42
N LYS A 76 -11.93 19.69 22.05
CA LYS A 76 -12.90 19.13 22.99
C LYS A 76 -13.45 17.78 22.54
N ASN A 77 -12.83 17.13 21.54
CA ASN A 77 -13.24 15.80 21.10
C ASN A 77 -14.72 15.77 20.70
N THR A 78 -15.18 16.85 20.07
CA THR A 78 -16.59 17.00 19.73
C THR A 78 -16.74 17.30 18.25
N ALA A 79 -17.71 16.66 17.62
CA ALA A 79 -18.07 16.92 16.24
C ALA A 79 -19.45 17.55 16.17
N TYR A 80 -19.64 18.42 15.19
CA TYR A 80 -20.90 19.15 15.02
C TYR A 80 -21.40 19.00 13.60
N LEU A 81 -22.70 19.21 13.43
CA LEU A 81 -23.32 19.31 12.12
C LEU A 81 -24.27 20.49 12.17
N GLN A 82 -24.05 21.49 11.33
CA GLN A 82 -24.90 22.67 11.26
C GLN A 82 -25.82 22.53 10.04
N MET A 83 -27.09 22.27 10.29
CA MET A 83 -28.06 22.15 9.22
C MET A 83 -28.72 23.50 9.01
N ASN A 84 -28.66 24.00 7.77
CA ASN A 84 -29.41 25.19 7.36
C ASN A 84 -30.44 24.79 6.31
N SER A 85 -31.47 25.63 6.17
CA SER A 85 -32.52 25.43 5.18
C SER A 85 -33.15 24.04 5.32
N LEU A 86 -33.50 23.68 6.56
CA LEU A 86 -34.06 22.37 6.83
C LEU A 86 -35.34 22.17 6.02
N ARG A 87 -35.42 21.05 5.31
CA ARG A 87 -36.56 20.74 4.48
C ARG A 87 -37.46 19.74 5.18
N ALA A 88 -38.71 19.65 4.71
CA ALA A 88 -39.63 18.66 5.26
C ALA A 88 -39.11 17.24 5.04
N GLU A 89 -38.31 17.04 3.99
CA GLU A 89 -37.69 15.75 3.75
C GLU A 89 -36.61 15.45 4.80
N ASP A 90 -35.93 16.49 5.30
CA ASP A 90 -34.79 16.30 6.19
C ASP A 90 -35.18 15.81 7.58
N THR A 91 -36.47 15.78 7.91
CA THR A 91 -36.89 15.31 9.22
C THR A 91 -36.53 13.84 9.39
N ALA A 92 -35.68 13.55 10.37
CA ALA A 92 -35.18 12.19 10.59
C ALA A 92 -34.52 12.15 11.96
N VAL A 93 -33.93 11.00 12.28
CA VAL A 93 -33.15 10.79 13.49
C VAL A 93 -31.69 10.66 13.08
N TYR A 94 -30.84 11.51 13.66
CA TYR A 94 -29.46 11.66 13.20
C TYR A 94 -28.52 10.96 14.17
N TYR A 95 -27.77 9.98 13.67
CA TYR A 95 -26.79 9.24 14.44
C TYR A 95 -25.38 9.70 14.10
N CYS A 96 -24.46 9.49 15.03
CA CYS A 96 -23.04 9.75 14.81
C CYS A 96 -22.23 8.50 15.17
N ALA A 97 -21.14 8.30 14.44
CA ALA A 97 -20.34 7.09 14.58
C ALA A 97 -18.88 7.41 14.27
N ARG A 98 -18.05 6.37 14.30
CA ARG A 98 -16.62 6.50 14.02
C ARG A 98 -16.15 5.32 13.18
N SER A 99 -14.98 5.51 12.55
CA SER A 99 -14.32 4.48 11.76
C SER A 99 -12.91 4.99 11.46
N HIS A 100 -12.03 4.05 11.08
CA HIS A 100 -10.65 4.43 10.80
C HIS A 100 -10.54 5.14 9.45
N TYR A 101 -9.38 5.75 9.22
CA TYR A 101 -9.21 6.61 8.05
C TYR A 101 -8.64 5.88 6.83
N SER A 102 -7.49 5.23 6.95
CA SER A 102 -6.96 4.34 5.92
C SER A 102 -6.81 5.07 4.58
N VAL A 103 -5.83 5.98 4.56
CA VAL A 103 -5.68 7.00 3.53
C VAL A 103 -5.55 6.46 2.10
N TRP A 104 -5.36 5.15 1.94
CA TRP A 104 -5.12 4.55 0.63
C TRP A 104 -6.35 3.78 0.16
N TRP A 105 -6.78 4.05 -1.07
CA TRP A 105 -8.05 3.56 -1.59
C TRP A 105 -8.11 2.03 -1.56
N GLY A 106 -9.11 1.51 -0.85
CA GLY A 106 -9.29 0.08 -0.73
C GLY A 106 -8.49 -0.58 0.37
N TRP A 107 -7.47 0.10 0.87
CA TRP A 107 -6.66 -0.41 1.98
C TRP A 107 -7.34 -0.03 3.29
N HIS A 108 -7.41 -0.99 4.21
CA HIS A 108 -8.10 -0.78 5.48
C HIS A 108 -7.24 -1.31 6.63
N SER A 109 -7.40 -0.68 7.79
CA SER A 109 -6.47 -0.86 8.92
C SER A 109 -6.65 -2.24 9.53
N VAL A 110 -5.79 -3.17 9.17
CA VAL A 110 -5.92 -4.55 9.65
C VAL A 110 -5.95 -4.60 11.17
N SER A 111 -5.16 -3.73 11.82
CA SER A 111 -5.11 -3.73 13.28
C SER A 111 -6.22 -2.88 13.89
N TYR A 112 -6.68 -1.83 13.21
CA TYR A 112 -7.67 -0.92 13.79
C TYR A 112 -8.80 -0.60 12.82
N TYR A 113 -9.27 -1.58 12.05
CA TYR A 113 -10.48 -1.40 11.26
C TYR A 113 -11.62 -2.20 11.89
N ALA A 114 -12.69 -1.50 12.23
CA ALA A 114 -13.94 -2.11 12.64
C ALA A 114 -15.04 -1.18 12.15
N ALA A 115 -15.60 -1.50 10.98
CA ALA A 115 -16.44 -0.56 10.25
C ALA A 115 -17.62 -0.10 11.10
N PHE A 116 -17.60 1.17 11.49
CA PHE A 116 -18.66 1.79 12.27
C PHE A 116 -18.97 0.97 13.52
N ASP A 117 -17.91 0.66 14.28
CA ASP A 117 -18.03 -0.23 15.43
C ASP A 117 -18.88 0.39 16.52
N TYR A 118 -18.56 1.62 16.92
CA TYR A 118 -19.27 2.30 17.99
C TYR A 118 -20.24 3.33 17.41
N TRP A 119 -21.38 3.50 18.08
CA TRP A 119 -22.47 4.30 17.55
C TRP A 119 -23.05 5.18 18.65
N GLY A 120 -23.87 6.14 18.21
CA GLY A 120 -24.67 6.94 19.12
C GLY A 120 -26.03 6.31 19.34
N GLN A 121 -26.93 7.10 19.93
CA GLN A 121 -28.25 6.61 20.31
C GLN A 121 -29.38 7.15 19.46
N GLY A 122 -29.26 8.36 18.92
CA GLY A 122 -30.36 8.90 18.12
C GLY A 122 -30.90 10.18 18.70
N THR A 123 -30.99 11.20 17.84
CA THR A 123 -31.60 12.48 18.19
C THR A 123 -32.54 12.90 17.07
N LEU A 124 -33.70 13.42 17.44
CA LEU A 124 -34.75 13.75 16.50
C LEU A 124 -34.71 15.23 16.14
N VAL A 125 -34.72 15.50 14.84
CA VAL A 125 -34.78 16.91 14.37
C VAL A 125 -36.11 17.07 13.63
N THR A 126 -37.16 17.42 14.37
CA THR A 126 -38.49 17.64 13.72
C THR A 126 -38.42 18.91 12.88
N VAL A 127 -38.71 18.80 11.58
CA VAL A 127 -38.76 20.02 10.71
C VAL A 127 -40.20 20.25 10.29
N PHE A 128 -40.99 20.92 11.14
CA PHE A 128 -42.41 21.18 10.83
C PHE A 128 -42.80 22.57 11.37
N ASN A 129 -44.09 22.87 11.32
CA ASN A 129 -44.58 24.19 11.81
C ASN A 129 -45.87 23.94 12.61
N GLN A 130 -46.84 23.28 11.99
CA GLN A 130 -48.13 22.97 12.67
C GLN A 130 -47.81 22.39 14.06
N ILE A 131 -48.45 22.92 15.10
CA ILE A 131 -48.28 22.32 16.46
C ILE A 131 -49.67 22.12 17.05
N LYS A 132 -49.99 20.90 17.47
CA LYS A 132 -51.36 20.61 17.98
C LYS A 132 -51.28 19.92 19.34
N GLY A 133 -51.89 20.51 20.37
CA GLY A 133 -51.95 19.84 21.68
C GLY A 133 -52.70 18.53 21.57
N PRO A 134 -52.32 17.48 22.33
CA PRO A 134 -52.95 16.16 22.18
C PRO A 134 -54.29 16.09 22.90
N SER A 135 -55.30 15.59 22.19
CA SER A 135 -56.61 15.36 22.79
C SER A 135 -56.67 13.93 23.34
N VAL A 136 -57.00 13.81 24.62
CA VAL A 136 -56.94 12.54 25.33
C VAL A 136 -58.34 12.18 25.82
N PHE A 137 -58.77 10.96 25.53
CA PHE A 137 -60.05 10.42 25.97
C PHE A 137 -59.82 9.08 26.65
N PRO A 138 -60.70 8.70 27.57
CA PRO A 138 -60.60 7.36 28.17
C PRO A 138 -61.28 6.29 27.33
N LEU A 139 -60.73 5.09 27.43
CA LEU A 139 -61.31 3.90 26.81
C LEU A 139 -61.84 3.03 27.95
N ALA A 140 -63.08 3.28 28.33
CA ALA A 140 -63.60 2.77 29.60
C ALA A 140 -63.87 1.27 29.51
N PRO A 141 -63.39 0.48 30.47
CA PRO A 141 -63.89 -0.89 30.62
C PRO A 141 -65.36 -0.87 31.03
N SER A 142 -66.10 -1.88 30.61
CA SER A 142 -67.54 -1.88 30.79
C SER A 142 -68.03 -3.33 30.76
N SER A 143 -69.33 -3.52 30.56
CA SER A 143 -69.90 -4.86 30.46
C SER A 143 -69.21 -5.67 29.37
N LYS A 144 -68.73 -5.01 28.30
CA LYS A 144 -67.97 -5.71 27.29
C LYS A 144 -66.60 -6.13 27.81
N SER A 145 -65.91 -5.21 28.50
CA SER A 145 -64.56 -5.47 28.99
C SER A 145 -64.54 -6.13 30.36
N THR A 146 -65.70 -6.42 30.94
CA THR A 146 -65.74 -7.17 32.18
C THR A 146 -65.45 -8.64 31.96
N SER A 147 -65.61 -9.12 30.73
CA SER A 147 -65.56 -10.55 30.39
C SER A 147 -64.35 -11.25 30.99
N GLY A 148 -64.61 -12.24 31.85
CA GLY A 148 -63.58 -13.04 32.43
C GLY A 148 -62.90 -12.38 33.62
N GLY A 149 -61.82 -13.02 34.06
CA GLY A 149 -60.96 -12.45 35.07
C GLY A 149 -59.94 -11.46 34.55
N THR A 150 -60.00 -11.16 33.25
CA THR A 150 -59.09 -10.22 32.61
C THR A 150 -59.91 -9.15 31.91
N ALA A 151 -59.58 -7.89 32.15
CA ALA A 151 -60.25 -6.75 31.54
C ALA A 151 -59.30 -6.03 30.60
N ALA A 152 -59.85 -5.04 29.88
CA ALA A 152 -59.08 -4.25 28.94
C ALA A 152 -59.55 -2.81 28.98
N LEU A 153 -58.63 -1.90 29.31
CA LEU A 153 -58.89 -0.47 29.29
C LEU A 153 -57.73 0.22 28.57
N GLY A 154 -57.94 1.47 28.20
CA GLY A 154 -56.90 2.17 27.49
C GLY A 154 -57.15 3.66 27.42
N CYS A 155 -56.28 4.34 26.67
CA CYS A 155 -56.38 5.77 26.44
C CYS A 155 -56.23 6.05 24.95
N LEU A 156 -56.92 7.08 24.48
CA LEU A 156 -56.90 7.47 23.08
C LEU A 156 -56.23 8.83 22.94
N VAL A 157 -55.21 8.90 22.10
CA VAL A 157 -54.51 10.15 21.80
C VAL A 157 -54.87 10.54 20.37
N LYS A 158 -55.70 11.57 20.24
CA LYS A 158 -56.28 11.95 18.96
C LYS A 158 -55.84 13.34 18.54
N ASP A 159 -55.50 13.48 17.26
CA ASP A 159 -55.32 14.78 16.60
C ASP A 159 -54.23 15.61 17.28
N TYR A 160 -53.00 15.10 17.17
CA TYR A 160 -51.83 15.82 17.66
C TYR A 160 -50.80 15.94 16.55
N PHE A 161 -49.89 16.90 16.73
CA PHE A 161 -48.80 17.18 15.80
C PHE A 161 -47.79 18.12 16.47
N PRO A 162 -46.49 17.88 16.31
CA PRO A 162 -45.85 16.74 15.65
C PRO A 162 -45.43 15.67 16.65
N GLU A 163 -44.87 14.56 16.16
CA GLU A 163 -44.44 13.48 17.02
C GLU A 163 -43.18 13.89 17.79
N PRO A 164 -42.85 13.19 18.89
CA PRO A 164 -43.45 11.98 19.45
C PRO A 164 -44.39 12.21 20.64
N VAL A 165 -45.14 11.17 21.00
CA VAL A 165 -45.97 11.15 22.20
C VAL A 165 -45.51 9.98 23.06
N THR A 166 -45.08 10.28 24.28
CA THR A 166 -44.64 9.26 25.24
C THR A 166 -45.79 8.98 26.19
N VAL A 167 -46.18 7.71 26.29
CA VAL A 167 -47.33 7.29 27.08
C VAL A 167 -46.85 6.39 28.20
N SER A 168 -47.19 6.73 29.44
CA SER A 168 -46.94 5.89 30.60
C SER A 168 -48.21 5.77 31.41
N TRP A 169 -48.39 4.62 32.05
CA TRP A 169 -49.61 4.30 32.77
C TRP A 169 -49.33 4.26 34.27
N ASN A 170 -50.15 4.98 35.04
CA ASN A 170 -50.04 5.04 36.49
C ASN A 170 -48.63 5.44 36.92
N SER A 171 -48.14 6.53 36.31
CA SER A 171 -46.79 7.04 36.57
C SER A 171 -45.73 5.98 36.27
N GLY A 172 -45.93 5.24 35.19
CA GLY A 172 -44.94 4.28 34.73
C GLY A 172 -44.84 3.00 35.52
N ALA A 173 -45.76 2.76 36.46
CA ALA A 173 -45.74 1.54 37.26
C ALA A 173 -46.41 0.37 36.55
N LEU A 174 -47.41 0.62 35.71
CA LEU A 174 -48.12 -0.43 34.99
C LEU A 174 -47.45 -0.63 33.65
N THR A 175 -46.61 -1.66 33.56
CA THR A 175 -45.87 -1.96 32.33
C THR A 175 -46.24 -3.30 31.72
N SER A 176 -46.66 -4.28 32.52
CA SER A 176 -46.97 -5.60 31.99
C SER A 176 -48.24 -5.54 31.15
N GLY A 177 -48.16 -6.10 29.94
CA GLY A 177 -49.30 -6.12 29.03
C GLY A 177 -49.58 -4.83 28.31
N VAL A 178 -48.75 -3.81 28.48
CA VAL A 178 -48.99 -2.52 27.85
C VAL A 178 -48.51 -2.57 26.41
N HIS A 179 -49.41 -2.28 25.47
CA HIS A 179 -49.09 -2.25 24.05
C HIS A 179 -49.42 -0.85 23.53
N THR A 180 -48.39 -0.02 23.37
CA THR A 180 -48.55 1.35 22.90
C THR A 180 -48.47 1.36 21.38
N PHE A 181 -49.59 1.63 20.73
CA PHE A 181 -49.71 1.50 19.29
C PHE A 181 -48.97 2.62 18.56
N PRO A 182 -48.44 2.34 17.38
CA PRO A 182 -47.89 3.41 16.54
C PRO A 182 -48.99 4.33 16.04
N ALA A 183 -48.62 5.58 15.77
CA ALA A 183 -49.57 6.56 15.30
C ALA A 183 -49.96 6.30 13.85
N VAL A 184 -51.14 6.78 13.47
CA VAL A 184 -51.62 6.74 12.09
C VAL A 184 -51.97 8.15 11.67
N LEU A 185 -51.39 8.59 10.56
CA LEU A 185 -51.61 9.93 10.06
C LEU A 185 -52.98 10.00 9.39
N GLN A 186 -53.94 10.64 10.07
CA GLN A 186 -55.29 10.70 9.56
C GLN A 186 -55.38 11.66 8.38
N SER A 187 -56.57 11.68 7.76
CA SER A 187 -56.80 12.59 6.64
C SER A 187 -56.76 14.05 7.06
N SER A 188 -56.99 14.34 8.35
CA SER A 188 -56.90 15.71 8.84
C SER A 188 -55.47 16.23 8.84
N GLY A 189 -54.48 15.34 8.85
CA GLY A 189 -53.09 15.73 8.91
C GLY A 189 -52.46 15.63 10.28
N LEU A 190 -53.19 15.17 11.27
CA LEU A 190 -52.70 15.02 12.63
C LEU A 190 -52.61 13.54 13.00
N TYR A 191 -51.51 13.16 13.63
CA TYR A 191 -51.30 11.76 13.98
C TYR A 191 -52.23 11.34 15.12
N SER A 192 -52.41 10.03 15.26
CA SER A 192 -53.32 9.48 16.25
C SER A 192 -52.85 8.10 16.66
N LEU A 193 -52.56 7.92 17.94
CA LEU A 193 -52.18 6.63 18.50
C LEU A 193 -53.02 6.34 19.72
N SER A 194 -53.24 5.05 20.00
CA SER A 194 -54.01 4.61 21.15
C SER A 194 -53.18 3.67 22.00
N SER A 195 -53.25 3.86 23.31
CA SER A 195 -52.51 3.05 24.28
C SER A 195 -53.50 2.28 25.13
N VAL A 196 -53.29 0.97 25.24
CA VAL A 196 -54.18 0.09 26.00
C VAL A 196 -53.34 -0.77 26.94
N VAL A 197 -53.94 -1.13 28.07
CA VAL A 197 -53.31 -2.02 29.04
C VAL A 197 -54.35 -3.05 29.48
N THR A 198 -53.91 -4.31 29.59
CA THR A 198 -54.76 -5.40 30.00
C THR A 198 -54.56 -5.66 31.49
N VAL A 199 -55.62 -5.49 32.27
CA VAL A 199 -55.56 -5.66 33.72
C VAL A 199 -56.72 -6.56 34.14
N PRO A 200 -56.62 -7.27 35.27
CA PRO A 200 -57.74 -8.12 35.71
C PRO A 200 -58.99 -7.29 35.99
N SER A 201 -60.14 -7.88 35.68
CA SER A 201 -61.42 -7.21 35.94
C SER A 201 -61.71 -7.08 37.43
N SER A 202 -61.06 -7.90 38.27
CA SER A 202 -61.24 -7.78 39.71
C SER A 202 -60.65 -6.49 40.27
N SER A 203 -59.71 -5.88 39.57
CA SER A 203 -59.06 -4.65 40.00
C SER A 203 -59.68 -3.39 39.41
N LEU A 204 -60.77 -3.53 38.65
CA LEU A 204 -61.37 -2.37 37.99
C LEU A 204 -61.98 -1.41 39.00
N GLY A 205 -62.77 -1.92 39.94
CA GLY A 205 -63.41 -1.08 40.93
C GLY A 205 -62.56 -0.72 42.12
N THR A 206 -61.44 -1.41 42.33
CA THR A 206 -60.58 -1.15 43.47
C THR A 206 -59.28 -0.43 43.11
N GLN A 207 -58.69 -0.75 41.96
CA GLN A 207 -57.45 -0.10 41.53
C GLN A 207 -57.77 0.91 40.45
N THR A 208 -57.40 2.17 40.70
CA THR A 208 -57.59 3.22 39.71
C THR A 208 -56.46 3.19 38.69
N TYR A 209 -56.80 3.58 37.46
CA TYR A 209 -55.85 3.53 36.35
C TYR A 209 -55.77 4.90 35.69
N ILE A 210 -54.55 5.42 35.54
CA ILE A 210 -54.31 6.73 34.96
C ILE A 210 -53.23 6.59 33.89
N CYS A 211 -53.48 7.15 32.72
CA CYS A 211 -52.50 7.20 31.65
C CYS A 211 -51.87 8.59 31.60
N ASN A 212 -50.54 8.62 31.45
CA ASN A 212 -49.78 9.87 31.42
C ASN A 212 -49.29 10.11 30.00
N VAL A 213 -50.09 10.80 29.21
CA VAL A 213 -49.68 11.24 27.88
C VAL A 213 -48.81 12.48 28.03
N ASN A 214 -47.62 12.44 27.42
CA ASN A 214 -46.69 13.57 27.48
C ASN A 214 -46.30 13.93 26.06
N HIS A 215 -46.49 15.20 25.69
CA HIS A 215 -46.32 15.67 24.32
C HIS A 215 -45.38 16.88 24.30
N LYS A 216 -44.19 16.69 24.86
CA LYS A 216 -43.13 17.68 24.99
C LYS A 216 -42.99 18.61 23.76
N PRO A 217 -43.18 18.13 22.51
CA PRO A 217 -43.24 19.06 21.38
C PRO A 217 -44.24 20.21 21.55
N SER A 218 -45.21 20.05 22.43
CA SER A 218 -46.16 21.12 22.74
C SER A 218 -46.18 21.49 24.21
N ASN A 219 -45.24 20.96 25.00
CA ASN A 219 -45.14 21.25 26.44
C ASN A 219 -46.43 20.92 27.17
N THR A 220 -47.05 19.81 26.79
CA THR A 220 -48.31 19.36 27.37
C THR A 220 -48.09 18.11 28.20
N LYS A 221 -48.69 18.08 29.38
CA LYS A 221 -48.60 16.94 30.29
C LYS A 221 -50.03 16.58 30.72
N VAL A 222 -50.63 15.61 30.03
CA VAL A 222 -52.01 15.22 30.27
C VAL A 222 -52.04 14.01 31.19
N ASP A 223 -52.83 14.09 32.25
CA ASP A 223 -53.07 12.97 33.16
C ASP A 223 -54.56 12.66 33.13
N LYS A 224 -54.92 11.55 32.50
CA LYS A 224 -56.31 11.13 32.38
C LYS A 224 -56.51 9.80 33.08
N LYS A 225 -57.55 9.73 33.89
CA LYS A 225 -57.97 8.49 34.54
C LYS A 225 -59.08 7.84 33.72
N VAL A 226 -58.97 6.53 33.53
CA VAL A 226 -59.99 5.76 32.83
C VAL A 226 -61.00 5.26 33.85
N GLU A 227 -62.25 5.71 33.73
CA GLU A 227 -63.30 5.36 34.65
C GLU A 227 -64.34 4.52 33.93
N PRO A 228 -64.76 3.38 34.49
CA PRO A 228 -65.79 2.57 33.84
C PRO A 228 -67.05 3.39 33.58
N LYS A 229 -67.66 3.15 32.42
CA LYS A 229 -68.83 3.93 32.02
C LYS A 229 -69.95 3.81 33.06
N SER A 230 -70.20 2.59 33.54
CA SER A 230 -71.17 2.31 34.59
C SER A 230 -72.56 2.84 34.24
N CYS A 231 -72.73 4.16 34.36
CA CYS A 231 -74.01 4.86 34.12
C CYS A 231 -75.26 4.03 34.43
N ILE B 2 -21.74 4.10 -7.74
CA ILE B 2 -21.95 2.79 -7.12
C ILE B 2 -23.32 2.77 -6.45
N GLN B 3 -24.09 1.72 -6.73
CA GLN B 3 -25.47 1.61 -6.26
C GLN B 3 -25.64 0.30 -5.50
N MET B 4 -25.64 0.38 -4.18
CA MET B 4 -25.90 -0.79 -3.35
C MET B 4 -27.40 -1.09 -3.33
N THR B 5 -27.75 -2.35 -3.57
CA THR B 5 -29.14 -2.80 -3.57
C THR B 5 -29.27 -4.08 -2.76
N GLN B 6 -30.48 -4.33 -2.27
CA GLN B 6 -30.76 -5.48 -1.44
C GLN B 6 -31.94 -6.26 -2.00
N SER B 7 -32.00 -7.54 -1.61
CA SER B 7 -33.11 -8.43 -1.91
C SER B 7 -33.01 -9.66 -1.01
N PRO B 8 -34.13 -10.12 -0.43
CA PRO B 8 -35.50 -9.61 -0.56
C PRO B 8 -35.76 -8.37 0.29
N SER B 9 -36.84 -7.64 0.00
CA SER B 9 -37.18 -6.48 0.80
C SER B 9 -37.57 -6.88 2.23
N SER B 10 -38.29 -7.98 2.37
CA SER B 10 -38.68 -8.48 3.68
C SER B 10 -38.92 -9.98 3.59
N LEU B 11 -38.87 -10.64 4.74
CA LEU B 11 -39.07 -12.08 4.80
C LEU B 11 -39.53 -12.48 6.19
N SER B 12 -40.15 -13.66 6.27
CA SER B 12 -40.57 -14.26 7.53
C SER B 12 -40.20 -15.73 7.50
N ALA B 13 -39.73 -16.24 8.64
CA ALA B 13 -39.30 -17.62 8.73
C ALA B 13 -39.50 -18.13 10.15
N SER B 14 -39.45 -19.45 10.30
CA SER B 14 -39.62 -20.09 11.59
C SER B 14 -38.30 -20.15 12.34
N VAL B 15 -38.39 -20.46 13.64
CA VAL B 15 -37.19 -20.63 14.45
C VAL B 15 -36.45 -21.88 14.00
N GLY B 16 -35.13 -21.79 13.92
CA GLY B 16 -34.33 -22.88 13.44
C GLY B 16 -34.13 -22.92 11.94
N ASP B 17 -34.39 -21.82 11.24
CA ASP B 17 -34.34 -21.76 9.79
C ASP B 17 -33.10 -21.00 9.34
N ARG B 18 -32.38 -21.57 8.37
CA ARG B 18 -31.25 -20.87 7.78
C ARG B 18 -31.76 -19.75 6.87
N VAL B 19 -31.18 -18.57 7.01
CA VAL B 19 -31.63 -17.39 6.29
C VAL B 19 -30.44 -16.69 5.64
N THR B 20 -30.71 -15.99 4.54
CA THR B 20 -29.67 -15.31 3.78
C THR B 20 -30.26 -14.09 3.09
N ILE B 21 -29.51 -12.99 3.10
CA ILE B 21 -29.88 -11.75 2.41
C ILE B 21 -28.64 -11.21 1.72
N THR B 22 -28.78 -10.83 0.45
CA THR B 22 -27.65 -10.47 -0.40
C THR B 22 -27.66 -8.97 -0.68
N CYS B 23 -26.49 -8.33 -0.56
CA CYS B 23 -26.30 -6.94 -0.93
C CYS B 23 -25.58 -6.91 -2.28
N ARG B 24 -26.33 -6.59 -3.34
CA ARG B 24 -25.80 -6.54 -4.69
C ARG B 24 -25.01 -5.25 -4.88
N ALA B 25 -23.69 -5.36 -4.89
CA ALA B 25 -22.82 -4.22 -5.19
C ALA B 25 -22.78 -4.06 -6.71
N SER B 26 -23.55 -3.10 -7.22
CA SER B 26 -23.70 -2.97 -8.67
C SER B 26 -22.37 -2.69 -9.34
N GLN B 27 -21.56 -1.79 -8.77
CA GLN B 27 -20.23 -1.51 -9.25
C GLN B 27 -19.19 -2.06 -8.28
N SER B 28 -17.95 -2.12 -8.74
CA SER B 28 -16.85 -2.67 -7.95
C SER B 28 -16.45 -1.63 -6.90
N VAL B 29 -17.22 -1.59 -5.82
CA VAL B 29 -16.92 -0.69 -4.69
C VAL B 29 -16.00 -1.47 -3.77
N SER B 30 -14.71 -1.47 -4.12
CA SER B 30 -13.69 -2.27 -3.44
C SER B 30 -14.20 -3.68 -3.17
N SER B 31 -13.84 -4.24 -2.01
CA SER B 31 -14.46 -5.46 -1.52
C SER B 31 -14.79 -5.40 -0.03
N ALA B 32 -14.28 -4.42 0.71
CA ALA B 32 -14.59 -4.28 2.12
C ALA B 32 -16.04 -3.86 2.27
N VAL B 33 -16.86 -4.74 2.83
CA VAL B 33 -18.26 -4.45 3.12
C VAL B 33 -18.55 -4.87 4.55
N ALA B 34 -19.75 -4.53 5.01
CA ALA B 34 -20.18 -4.89 6.36
C ALA B 34 -21.68 -5.10 6.36
N TRP B 35 -22.14 -5.87 7.34
CA TRP B 35 -23.56 -6.14 7.52
C TRP B 35 -23.96 -5.72 8.93
N TYR B 36 -25.08 -5.00 9.04
CA TYR B 36 -25.60 -4.59 10.34
C TYR B 36 -27.05 -5.02 10.49
N GLN B 37 -27.69 -4.56 11.57
CA GLN B 37 -29.09 -4.85 11.83
C GLN B 37 -29.59 -3.83 12.83
N GLN B 38 -30.60 -3.05 12.46
CA GLN B 38 -31.07 -1.92 13.25
C GLN B 38 -32.44 -2.26 13.82
N LYS B 39 -32.52 -2.35 15.14
CA LYS B 39 -33.81 -2.47 15.80
C LYS B 39 -34.66 -1.25 15.48
N PRO B 40 -35.91 -1.42 15.04
CA PRO B 40 -36.80 -0.27 14.89
C PRO B 40 -36.90 0.53 16.18
N GLY B 41 -36.53 1.81 16.12
CA GLY B 41 -36.50 2.65 17.30
C GLY B 41 -35.44 2.27 18.31
N LYS B 42 -34.22 1.99 17.84
CA LYS B 42 -33.11 1.67 18.73
C LYS B 42 -31.80 1.96 18.02
N ALA B 43 -30.75 2.15 18.80
CA ALA B 43 -29.43 2.41 18.25
C ALA B 43 -28.87 1.15 17.61
N PRO B 44 -28.29 1.23 16.41
CA PRO B 44 -27.75 0.03 15.76
C PRO B 44 -26.48 -0.46 16.44
N LYS B 45 -26.18 -1.74 16.19
CA LYS B 45 -24.96 -2.38 16.67
C LYS B 45 -24.29 -3.10 15.51
N LEU B 46 -22.96 -3.14 15.54
CA LEU B 46 -22.20 -3.79 14.49
C LEU B 46 -22.39 -5.31 14.58
N LEU B 47 -22.67 -5.93 13.43
CA LEU B 47 -22.82 -7.37 13.34
C LEU B 47 -21.56 -8.03 12.77
N ILE B 48 -21.16 -7.63 11.57
CA ILE B 48 -20.00 -8.20 10.90
C ILE B 48 -19.43 -7.15 9.96
N TYR B 49 -18.11 -7.19 9.78
CA TYR B 49 -17.41 -6.24 8.93
C TYR B 49 -16.32 -6.95 8.16
N SER B 50 -15.65 -6.22 7.27
CA SER B 50 -14.61 -6.73 6.38
C SER B 50 -15.09 -7.88 5.49
N ALA B 51 -16.41 -8.09 5.43
CA ALA B 51 -17.07 -9.13 4.65
C ALA B 51 -16.77 -10.52 5.20
N SER B 52 -15.89 -10.60 6.21
CA SER B 52 -15.68 -11.85 6.94
C SER B 52 -15.45 -11.66 8.44
N SER B 53 -15.01 -10.48 8.89
CA SER B 53 -14.58 -10.28 10.27
C SER B 53 -15.81 -10.13 11.16
N LEU B 54 -16.04 -11.13 12.01
CA LEU B 54 -17.16 -11.09 12.94
C LEU B 54 -16.84 -10.20 14.13
N TYR B 55 -17.73 -9.26 14.42
CA TYR B 55 -17.55 -8.39 15.58
C TYR B 55 -17.43 -9.22 16.85
N SER B 56 -16.42 -8.92 17.67
CA SER B 56 -16.13 -9.75 18.82
C SER B 56 -17.31 -9.81 19.77
N GLY B 57 -17.74 -11.04 20.09
CA GLY B 57 -18.89 -11.27 20.94
C GLY B 57 -20.18 -11.54 20.20
N VAL B 58 -20.26 -11.17 18.93
CA VAL B 58 -21.46 -11.45 18.13
C VAL B 58 -21.62 -12.95 17.97
N PRO B 59 -22.84 -13.49 18.03
CA PRO B 59 -23.01 -14.94 17.95
C PRO B 59 -22.44 -15.52 16.66
N SER B 60 -21.93 -16.75 16.77
CA SER B 60 -21.18 -17.38 15.69
C SER B 60 -22.02 -17.67 14.47
N ARG B 61 -23.35 -17.63 14.58
CA ARG B 61 -24.20 -17.95 13.44
C ARG B 61 -24.03 -16.96 12.30
N PHE B 62 -23.75 -15.70 12.62
CA PHE B 62 -23.58 -14.69 11.59
C PHE B 62 -22.30 -14.97 10.81
N SER B 63 -22.38 -14.91 9.48
CA SER B 63 -21.28 -15.29 8.62
C SER B 63 -21.21 -14.38 7.40
N GLY B 64 -20.00 -13.96 7.07
CA GLY B 64 -19.75 -13.10 5.92
C GLY B 64 -19.48 -13.85 4.63
N SER B 65 -20.51 -14.40 4.01
CA SER B 65 -20.35 -15.04 2.71
C SER B 65 -20.43 -14.02 1.58
N ARG B 66 -19.84 -14.38 0.44
CA ARG B 66 -19.74 -13.46 -0.69
C ARG B 66 -19.47 -14.26 -1.96
N SER B 67 -20.04 -13.78 -3.07
CA SER B 67 -19.83 -14.39 -4.39
C SER B 67 -19.70 -13.25 -5.40
N GLY B 68 -18.46 -12.82 -5.64
CA GLY B 68 -18.23 -11.68 -6.51
C GLY B 68 -18.72 -10.40 -5.89
N THR B 69 -19.81 -9.85 -6.42
CA THR B 69 -20.47 -8.69 -5.84
C THR B 69 -21.76 -9.08 -5.10
N ASP B 70 -21.85 -10.32 -4.65
CA ASP B 70 -23.02 -10.85 -3.93
C ASP B 70 -22.81 -10.84 -2.43
N PHE B 71 -22.15 -9.81 -1.90
CA PHE B 71 -21.90 -9.69 -0.47
C PHE B 71 -23.17 -9.95 0.32
N THR B 72 -23.13 -10.92 1.24
CA THR B 72 -24.34 -11.40 1.86
C THR B 72 -24.04 -11.90 3.28
N LEU B 73 -25.11 -12.01 4.07
CA LEU B 73 -25.04 -12.45 5.46
C LEU B 73 -25.90 -13.70 5.64
N THR B 74 -25.51 -14.54 6.59
CA THR B 74 -26.18 -15.81 6.83
C THR B 74 -26.19 -16.12 8.33
N ILE B 75 -27.28 -16.72 8.80
CA ILE B 75 -27.48 -17.07 10.20
C ILE B 75 -27.79 -18.56 10.28
N SER B 76 -27.18 -19.24 11.26
CA SER B 76 -27.28 -20.70 11.31
C SER B 76 -28.72 -21.17 11.49
N SER B 77 -29.32 -21.00 12.67
CA SER B 77 -30.75 -21.24 12.82
C SER B 77 -31.52 -20.06 13.37
N LEU B 78 -31.42 -19.79 14.68
CA LEU B 78 -32.01 -18.63 15.37
C LEU B 78 -31.74 -18.76 16.87
N GLN B 79 -31.53 -17.64 17.57
CA GLN B 79 -31.36 -17.66 19.03
C GLN B 79 -32.07 -16.46 19.64
N PRO B 80 -32.18 -16.36 21.01
CA PRO B 80 -33.00 -15.32 21.65
C PRO B 80 -33.03 -13.93 21.01
N GLU B 81 -31.86 -13.34 20.73
CA GLU B 81 -31.81 -11.96 20.25
C GLU B 81 -32.13 -11.88 18.76
N ASP B 82 -31.73 -10.76 18.14
CA ASP B 82 -31.82 -10.44 16.71
C ASP B 82 -33.27 -10.31 16.24
N PHE B 83 -33.54 -10.63 14.96
CA PHE B 83 -34.85 -10.37 14.34
C PHE B 83 -35.15 -8.88 14.29
N ALA B 84 -34.48 -8.20 13.35
CA ALA B 84 -34.79 -6.82 13.02
C ALA B 84 -34.75 -6.67 11.51
N THR B 85 -34.76 -5.43 11.03
CA THR B 85 -34.53 -5.12 9.63
C THR B 85 -33.03 -5.00 9.42
N TYR B 86 -32.47 -5.88 8.59
CA TYR B 86 -31.02 -6.04 8.48
C TYR B 86 -30.47 -5.20 7.34
N TYR B 87 -29.44 -4.41 7.64
CA TYR B 87 -28.83 -3.51 6.67
C TYR B 87 -27.41 -3.96 6.38
N CYS B 88 -26.97 -3.80 5.13
CA CYS B 88 -25.58 -3.96 4.76
C CYS B 88 -24.92 -2.59 4.66
N GLN B 89 -23.64 -2.58 4.33
CA GLN B 89 -22.92 -1.32 4.13
C GLN B 89 -21.61 -1.61 3.41
N GLN B 90 -21.27 -0.75 2.46
CA GLN B 90 -20.01 -0.85 1.74
C GLN B 90 -18.95 -0.03 2.45
N GLY B 91 -17.78 -0.64 2.66
CA GLY B 91 -16.71 0.01 3.39
C GLY B 91 -15.93 1.05 2.61
N SER B 92 -16.24 1.20 1.32
CA SER B 92 -15.55 2.18 0.50
C SER B 92 -15.94 3.59 0.93
N ALA B 93 -15.38 4.57 0.22
CA ALA B 93 -15.60 5.98 0.57
C ALA B 93 -17.06 6.40 0.71
N PRO B 94 -17.99 5.98 -0.17
CA PRO B 94 -19.38 6.44 -0.01
C PRO B 94 -20.02 6.07 1.33
N PHE B 95 -19.64 4.94 1.92
CA PHE B 95 -20.25 4.45 3.16
C PHE B 95 -21.76 4.27 3.02
N THR B 96 -22.25 4.07 1.80
CA THR B 96 -23.69 3.97 1.58
C THR B 96 -24.22 2.69 2.18
N PHE B 97 -25.00 2.83 3.26
CA PHE B 97 -25.53 1.67 3.96
C PHE B 97 -26.63 1.00 3.14
N GLY B 98 -26.90 -0.26 3.45
CA GLY B 98 -27.91 -1.01 2.75
C GLY B 98 -29.31 -0.51 3.04
N GLN B 99 -30.23 -0.85 2.15
CA GLN B 99 -31.61 -0.40 2.26
C GLN B 99 -32.43 -1.21 3.26
N GLY B 100 -31.94 -2.37 3.69
CA GLY B 100 -32.59 -3.10 4.76
C GLY B 100 -33.39 -4.30 4.24
N THR B 101 -33.66 -5.23 5.16
CA THR B 101 -34.49 -6.40 4.89
C THR B 101 -35.22 -6.78 6.17
N LYS B 102 -36.54 -6.66 6.16
CA LYS B 102 -37.33 -6.90 7.37
C LYS B 102 -37.48 -8.40 7.59
N VAL B 103 -36.86 -8.91 8.65
CA VAL B 103 -36.95 -10.32 9.02
C VAL B 103 -38.03 -10.46 10.08
N GLU B 104 -38.58 -11.67 10.21
CA GLU B 104 -39.71 -11.90 11.10
C GLU B 104 -39.62 -13.30 11.72
N ILE B 105 -39.71 -13.36 13.05
CA ILE B 105 -39.80 -14.64 13.74
C ILE B 105 -41.22 -15.20 13.60
N LYS B 106 -41.33 -16.51 13.40
CA LYS B 106 -42.64 -17.15 13.33
C LYS B 106 -43.16 -17.47 14.73
N ARG B 107 -44.38 -18.00 14.78
CA ARG B 107 -45.05 -18.26 16.04
C ARG B 107 -46.26 -19.14 15.75
N THR B 108 -46.49 -20.14 16.61
CA THR B 108 -47.68 -20.96 16.47
C THR B 108 -48.92 -20.08 16.52
N VAL B 109 -49.85 -20.32 15.60
CA VAL B 109 -51.01 -19.46 15.42
C VAL B 109 -51.72 -19.29 16.76
N ALA B 110 -51.76 -18.05 17.26
CA ALA B 110 -52.18 -17.77 18.61
C ALA B 110 -53.67 -17.43 18.66
N ALA B 111 -54.13 -17.06 19.87
CA ALA B 111 -55.53 -16.72 20.07
C ALA B 111 -55.72 -15.22 19.87
N PRO B 112 -56.46 -14.78 18.86
CA PRO B 112 -56.70 -13.34 18.64
C PRO B 112 -57.87 -12.78 19.46
N SER B 113 -57.60 -12.48 20.73
CA SER B 113 -58.60 -11.88 21.60
C SER B 113 -58.96 -10.49 21.08
N VAL B 114 -60.25 -10.18 21.07
CA VAL B 114 -60.78 -8.97 20.46
C VAL B 114 -61.57 -8.18 21.50
N PHE B 115 -61.34 -6.88 21.54
CA PHE B 115 -62.07 -5.96 22.41
C PHE B 115 -62.60 -4.80 21.58
N ILE B 116 -63.50 -4.03 22.17
CA ILE B 116 -64.12 -2.90 21.48
C ILE B 116 -64.47 -1.83 22.51
N PHE B 117 -64.26 -0.56 22.13
CA PHE B 117 -64.58 0.57 22.99
C PHE B 117 -65.44 1.56 22.22
N PRO B 118 -66.53 2.05 22.79
CA PRO B 118 -67.31 3.11 22.15
C PRO B 118 -66.63 4.46 22.35
N PRO B 119 -67.00 5.47 21.57
CA PRO B 119 -66.49 6.83 21.85
C PRO B 119 -66.97 7.31 23.20
N SER B 120 -66.12 8.05 23.89
CA SER B 120 -66.42 8.50 25.23
C SER B 120 -67.36 9.71 25.21
N ASP B 121 -67.83 10.11 26.39
CA ASP B 121 -68.75 11.23 26.50
C ASP B 121 -68.11 12.53 26.03
N GLU B 122 -66.85 12.76 26.42
CA GLU B 122 -66.21 14.04 26.14
C GLU B 122 -65.93 14.23 24.65
N GLN B 123 -65.70 13.14 23.91
CA GLN B 123 -65.40 13.27 22.49
C GLN B 123 -66.63 13.65 21.68
N LEU B 124 -67.81 13.18 22.09
CA LEU B 124 -69.03 13.48 21.35
C LEU B 124 -69.33 14.97 21.32
N LYS B 125 -69.00 15.68 22.40
CA LYS B 125 -69.25 17.12 22.44
C LYS B 125 -68.43 17.87 21.39
N SER B 126 -67.34 17.29 20.90
CA SER B 126 -66.52 17.91 19.88
C SER B 126 -67.01 17.65 18.46
N GLY B 127 -68.01 16.78 18.29
CA GLY B 127 -68.56 16.50 16.98
C GLY B 127 -67.94 15.33 16.25
N THR B 128 -67.12 14.52 16.93
CA THR B 128 -66.46 13.38 16.31
C THR B 128 -66.64 12.14 17.18
N ALA B 129 -66.77 10.99 16.53
CA ALA B 129 -66.84 9.71 17.22
C ALA B 129 -65.79 8.78 16.61
N SER B 130 -64.96 8.18 17.48
CA SER B 130 -63.88 7.30 17.04
C SER B 130 -64.01 5.98 17.79
N VAL B 131 -64.61 4.98 17.13
CA VAL B 131 -64.75 3.65 17.72
C VAL B 131 -63.42 2.93 17.64
N VAL B 132 -63.17 2.05 18.60
CA VAL B 132 -61.88 1.37 18.75
C VAL B 132 -62.12 -0.13 18.78
N CYS B 133 -61.32 -0.87 18.01
CA CYS B 133 -61.32 -2.33 18.02
C CYS B 133 -59.88 -2.80 18.23
N LEU B 134 -59.70 -3.77 19.12
CA LEU B 134 -58.37 -4.18 19.55
C LEU B 134 -58.16 -5.67 19.25
N LEU B 135 -57.01 -5.99 18.67
CA LEU B 135 -56.55 -7.36 18.50
C LEU B 135 -55.28 -7.52 19.33
N ASN B 136 -55.38 -8.25 20.43
CA ASN B 136 -54.30 -8.33 21.40
C ASN B 136 -53.61 -9.68 21.33
N ASN B 137 -52.29 -9.65 21.22
CA ASN B 137 -51.42 -10.83 21.30
C ASN B 137 -51.91 -11.95 20.37
N PHE B 138 -51.88 -11.66 19.08
CA PHE B 138 -52.33 -12.59 18.06
C PHE B 138 -51.23 -12.85 17.04
N TYR B 139 -51.37 -13.95 16.31
CA TYR B 139 -50.43 -14.33 15.27
C TYR B 139 -51.17 -15.22 14.27
N PRO B 140 -51.01 -15.00 12.97
CA PRO B 140 -50.18 -13.97 12.31
C PRO B 140 -50.90 -12.63 12.15
N ARG B 141 -50.18 -11.59 11.74
CA ARG B 141 -50.80 -10.29 11.49
C ARG B 141 -51.86 -10.39 10.39
N GLU B 142 -51.68 -11.29 9.44
CA GLU B 142 -52.63 -11.46 8.34
C GLU B 142 -54.01 -11.77 8.90
N ALA B 143 -54.95 -10.87 8.64
CA ALA B 143 -56.32 -11.01 9.12
C ALA B 143 -57.23 -10.14 8.27
N LYS B 144 -58.52 -10.18 8.58
CA LYS B 144 -59.52 -9.37 7.88
C LYS B 144 -60.39 -8.69 8.93
N VAL B 145 -60.24 -7.38 9.07
CA VAL B 145 -60.99 -6.60 10.05
C VAL B 145 -62.08 -5.84 9.32
N SER B 146 -63.32 -5.98 9.79
CA SER B 146 -64.48 -5.37 9.16
C SER B 146 -65.30 -4.66 10.22
N TRP B 147 -65.85 -3.50 9.84
CA TRP B 147 -66.74 -2.73 10.70
C TRP B 147 -68.16 -2.80 10.15
N TYR B 148 -69.12 -3.08 11.02
CA TYR B 148 -70.53 -3.13 10.64
C TYR B 148 -71.31 -2.15 11.53
N VAL B 149 -71.79 -1.08 10.92
CA VAL B 149 -72.68 -0.14 11.58
C VAL B 149 -74.10 -0.50 11.14
N ASP B 150 -74.84 -1.16 12.02
CA ASP B 150 -76.18 -1.66 11.72
C ASP B 150 -76.15 -2.62 10.53
N ASN B 151 -75.27 -3.62 10.62
CA ASN B 151 -75.13 -4.66 9.60
C ASN B 151 -74.81 -4.08 8.23
N ALA B 152 -74.05 -3.00 8.19
CA ALA B 152 -73.59 -2.40 6.95
C ALA B 152 -72.08 -2.28 7.01
N LEU B 153 -71.39 -2.92 6.08
CA LEU B 153 -69.93 -2.91 6.08
C LEU B 153 -69.42 -1.51 5.78
N GLN B 154 -68.60 -0.98 6.70
CA GLN B 154 -68.01 0.34 6.53
C GLN B 154 -66.69 0.24 5.79
N SER B 155 -66.48 1.15 4.84
CA SER B 155 -65.30 1.15 4.00
C SER B 155 -64.70 2.55 3.96
N GLY B 156 -63.41 2.64 4.29
CA GLY B 156 -62.64 3.86 4.19
C GLY B 156 -62.51 4.64 5.48
N ASN B 157 -63.45 4.47 6.42
CA ASN B 157 -63.44 5.21 7.67
C ASN B 157 -62.73 4.46 8.80
N SER B 158 -61.80 3.57 8.47
CA SER B 158 -61.09 2.78 9.47
C SER B 158 -59.58 2.96 9.29
N GLN B 159 -58.87 3.04 10.42
CA GLN B 159 -57.42 3.13 10.44
C GLN B 159 -56.87 1.93 11.20
N GLU B 160 -55.91 1.24 10.59
CA GLU B 160 -55.30 0.05 11.17
C GLU B 160 -53.86 0.34 11.53
N SER B 161 -53.47 0.02 12.77
CA SER B 161 -52.11 0.18 13.24
C SER B 161 -51.67 -1.12 13.90
N VAL B 162 -50.51 -1.63 13.50
CA VAL B 162 -49.96 -2.88 14.00
C VAL B 162 -48.62 -2.58 14.67
N THR B 163 -48.47 -3.03 15.92
CA THR B 163 -47.25 -2.79 16.68
C THR B 163 -46.16 -3.74 16.18
N GLU B 164 -45.02 -3.72 16.86
CA GLU B 164 -43.93 -4.63 16.55
C GLU B 164 -44.06 -5.91 17.37
N GLN B 165 -43.31 -6.92 16.96
CA GLN B 165 -43.39 -8.24 17.58
C GLN B 165 -42.96 -8.17 19.04
N ASP B 166 -43.72 -8.82 19.91
CA ASP B 166 -43.36 -8.88 21.31
C ASP B 166 -42.18 -9.83 21.51
N SER B 167 -41.36 -9.53 22.52
CA SER B 167 -40.16 -10.32 22.77
C SER B 167 -40.51 -11.68 23.36
N LYS B 168 -41.45 -11.73 24.31
CA LYS B 168 -41.69 -12.95 25.07
C LYS B 168 -42.47 -13.98 24.27
N ASP B 169 -43.69 -13.61 23.84
CA ASP B 169 -44.58 -14.56 23.18
C ASP B 169 -44.60 -14.42 21.66
N SER B 170 -43.85 -13.48 21.10
CA SER B 170 -43.81 -13.23 19.66
C SER B 170 -45.23 -13.07 19.10
N THR B 171 -45.91 -12.03 19.57
CA THR B 171 -47.30 -11.77 19.23
C THR B 171 -47.44 -10.34 18.72
N TYR B 172 -48.50 -10.10 17.95
CA TYR B 172 -48.77 -8.80 17.37
C TYR B 172 -49.83 -8.06 18.18
N SER B 173 -50.21 -6.89 17.67
CA SER B 173 -51.27 -6.08 18.27
C SER B 173 -51.78 -5.13 17.20
N LEU B 174 -53.05 -5.26 16.84
CA LEU B 174 -53.66 -4.47 15.78
C LEU B 174 -54.79 -3.62 16.36
N SER B 175 -54.96 -2.43 15.80
CA SER B 175 -55.97 -1.48 16.28
C SER B 175 -56.71 -0.89 15.09
N SER B 176 -58.01 -1.17 15.00
CA SER B 176 -58.86 -0.61 13.96
C SER B 176 -59.70 0.52 14.56
N THR B 177 -59.69 1.67 13.89
CA THR B 177 -60.31 2.89 14.43
C THR B 177 -61.37 3.39 13.45
N LEU B 178 -62.63 3.18 13.78
CA LEU B 178 -63.75 3.71 13.00
C LEU B 178 -64.01 5.16 13.45
N THR B 179 -63.78 6.11 12.55
CA THR B 179 -63.93 7.53 12.85
C THR B 179 -65.22 8.04 12.22
N LEU B 180 -66.10 8.62 13.04
CA LEU B 180 -67.39 9.11 12.58
C LEU B 180 -67.63 10.54 13.04
N SER B 181 -68.84 11.03 12.84
CA SER B 181 -69.28 12.32 13.35
C SER B 181 -70.35 12.13 14.41
N LYS B 182 -70.57 13.19 15.21
CA LYS B 182 -71.55 13.10 16.29
C LYS B 182 -72.95 12.84 15.75
N ALA B 183 -73.31 13.49 14.65
CA ALA B 183 -74.64 13.29 14.08
C ALA B 183 -74.81 11.88 13.52
N ASP B 184 -73.73 11.28 13.02
CA ASP B 184 -73.82 9.95 12.43
C ASP B 184 -73.77 8.85 13.49
N TYR B 185 -72.95 9.04 14.54
CA TYR B 185 -72.87 8.04 15.59
C TYR B 185 -74.19 7.91 16.34
N GLU B 186 -74.78 9.04 16.71
CA GLU B 186 -76.00 9.03 17.51
C GLU B 186 -77.24 8.65 16.72
N LYS B 187 -77.15 8.52 15.40
CA LYS B 187 -78.29 8.14 14.57
C LYS B 187 -78.38 6.64 14.35
N HIS B 188 -77.32 5.89 14.63
CA HIS B 188 -77.35 4.43 14.61
C HIS B 188 -77.36 3.89 16.03
N LYS B 189 -77.60 2.58 16.14
CA LYS B 189 -77.77 1.94 17.44
C LYS B 189 -76.69 0.93 17.76
N VAL B 190 -76.45 -0.05 16.89
CA VAL B 190 -75.57 -1.17 17.18
C VAL B 190 -74.32 -1.06 16.32
N TYR B 191 -73.16 -1.23 16.94
CA TYR B 191 -71.87 -1.14 16.28
C TYR B 191 -71.07 -2.40 16.57
N ALA B 192 -70.51 -3.02 15.54
CA ALA B 192 -69.80 -4.27 15.68
C ALA B 192 -68.48 -4.23 14.91
N CYS B 193 -67.53 -5.03 15.39
CA CYS B 193 -66.20 -5.15 14.76
C CYS B 193 -65.93 -6.63 14.51
N GLU B 194 -65.89 -7.02 13.24
CA GLU B 194 -65.63 -8.41 12.85
C GLU B 194 -64.17 -8.57 12.49
N VAL B 195 -63.53 -9.59 13.05
CA VAL B 195 -62.17 -9.98 12.70
C VAL B 195 -62.24 -11.38 12.12
N THR B 196 -61.72 -11.54 10.90
CA THR B 196 -61.77 -12.81 10.18
C THR B 196 -60.34 -13.30 9.97
N GLN B 197 -59.85 -14.10 10.91
CA GLN B 197 -58.53 -14.71 10.83
C GLN B 197 -58.70 -16.19 10.51
N GLY B 198 -58.14 -16.63 9.39
CA GLY B 198 -58.25 -18.02 8.98
C GLY B 198 -59.70 -18.40 8.76
N THR B 199 -60.16 -19.43 9.46
CA THR B 199 -61.54 -19.88 9.36
C THR B 199 -62.45 -19.27 10.41
N THR B 200 -61.91 -18.76 11.51
CA THR B 200 -62.70 -18.22 12.59
C THR B 200 -62.99 -16.74 12.36
N SER B 201 -64.25 -16.35 12.60
CA SER B 201 -64.69 -14.97 12.44
C SER B 201 -65.39 -14.54 13.73
N VAL B 202 -64.62 -13.94 14.63
CA VAL B 202 -65.14 -13.41 15.89
C VAL B 202 -65.58 -11.98 15.67
N THR B 203 -66.61 -11.55 16.41
CA THR B 203 -67.13 -10.20 16.25
C THR B 203 -67.63 -9.69 17.59
N LYS B 204 -67.00 -8.64 18.11
CA LYS B 204 -67.45 -7.96 19.31
C LYS B 204 -68.24 -6.72 18.93
N SER B 205 -69.22 -6.38 19.77
CA SER B 205 -70.18 -5.33 19.42
C SER B 205 -70.58 -4.57 20.69
N PHE B 206 -71.40 -3.54 20.50
CA PHE B 206 -71.95 -2.77 21.61
C PHE B 206 -73.23 -2.09 21.13
N ASN B 207 -73.95 -1.50 22.07
CA ASN B 207 -75.12 -0.68 21.79
C ASN B 207 -74.95 0.67 22.47
N ARG B 208 -75.41 1.73 21.79
CA ARG B 208 -75.23 3.08 22.32
C ARG B 208 -75.96 3.25 23.64
N GLY B 209 -77.20 2.77 23.72
CA GLY B 209 -78.00 2.93 24.93
C GLY B 209 -77.79 1.82 25.94
N GLU B 210 -76.53 1.42 26.13
CA GLU B 210 -76.20 0.37 27.08
C GLU B 210 -74.81 0.62 27.64
N CYS B 211 -74.65 0.39 28.93
CA CYS B 211 -73.35 0.52 29.59
C CYS B 211 -73.35 -0.20 30.93
N LYS C 5 41.49 6.46 -14.17
CA LYS C 5 41.61 7.88 -13.86
C LYS C 5 40.31 8.61 -14.14
N GLU C 6 40.32 9.93 -13.92
CA GLU C 6 39.13 10.76 -14.11
C GLU C 6 39.50 11.96 -14.97
N VAL C 7 38.73 12.20 -16.02
CA VAL C 7 38.91 13.36 -16.89
C VAL C 7 37.72 14.28 -16.68
N VAL C 8 37.96 15.40 -15.99
CA VAL C 8 36.87 16.30 -15.61
C VAL C 8 36.35 17.05 -16.84
N LEU C 9 35.02 17.07 -16.99
CA LEU C 9 34.39 17.77 -18.11
C LEU C 9 33.69 19.06 -17.70
N LEU C 10 33.46 19.28 -16.40
CA LEU C 10 32.79 20.50 -15.95
C LEU C 10 32.95 20.67 -14.45
N ASP C 11 33.37 21.87 -14.03
CA ASP C 11 33.50 22.21 -12.61
C ASP C 11 32.86 23.56 -12.35
N PHE C 12 32.04 23.63 -11.29
CA PHE C 12 31.43 24.90 -10.91
C PHE C 12 32.41 25.78 -10.13
N ALA C 13 33.34 25.16 -9.40
CA ALA C 13 34.33 25.90 -8.62
C ALA C 13 35.62 26.14 -9.42
N ALA C 14 35.48 26.66 -10.62
CA ALA C 14 36.63 27.03 -11.45
C ALA C 14 36.56 28.46 -11.94
N ALA C 15 35.36 28.94 -12.28
CA ALA C 15 35.15 30.32 -12.70
C ALA C 15 33.86 30.81 -12.08
N GLY C 16 33.67 32.13 -12.09
CA GLY C 16 32.47 32.69 -11.48
C GLY C 16 31.22 32.26 -12.21
N GLY C 17 30.48 31.33 -11.62
CA GLY C 17 29.37 30.71 -12.33
C GLY C 17 29.80 29.93 -13.56
N GLU C 18 31.05 29.44 -13.57
CA GLU C 18 31.72 28.99 -14.79
C GLU C 18 31.61 30.04 -15.90
N LEU C 19 31.43 31.30 -15.51
CA LEU C 19 31.00 32.38 -16.40
C LEU C 19 29.80 31.93 -17.24
N GLY C 20 28.71 31.60 -16.56
CA GLY C 20 27.52 31.23 -17.33
C GLY C 20 26.36 30.76 -16.48
N TRP C 21 25.52 29.94 -17.12
CA TRP C 21 24.35 29.23 -16.57
C TRP C 21 23.11 30.10 -16.60
N LEU C 22 21.97 29.49 -16.93
CA LEU C 22 20.71 30.19 -17.21
C LEU C 22 19.69 29.90 -16.11
N THR C 23 18.85 30.91 -15.84
CA THR C 23 17.70 30.76 -14.95
C THR C 23 16.44 30.98 -15.79
N HIS C 24 15.75 29.88 -16.11
CA HIS C 24 14.58 29.96 -16.99
C HIS C 24 13.46 30.84 -16.44
N PRO C 25 13.05 30.75 -15.16
CA PRO C 25 11.95 31.58 -14.70
C PRO C 25 12.31 33.06 -14.56
N TYR C 26 12.89 33.62 -15.63
CA TYR C 26 13.34 35.01 -15.68
C TYR C 26 14.18 35.37 -14.46
N GLY C 27 13.93 36.55 -13.88
CA GLY C 27 14.68 36.96 -12.71
C GLY C 27 14.42 36.06 -11.50
N LYS C 28 13.16 35.73 -11.26
CA LYS C 28 12.80 34.91 -10.11
C LYS C 28 13.34 33.49 -10.25
N GLY C 29 13.36 32.79 -9.13
CA GLY C 29 13.85 31.43 -9.09
C GLY C 29 15.32 31.32 -8.71
N TRP C 30 16.07 30.50 -9.45
CA TRP C 30 17.49 30.35 -9.17
C TRP C 30 18.21 31.68 -9.31
N ASP C 31 19.12 31.95 -8.38
CA ASP C 31 19.90 33.19 -8.41
C ASP C 31 21.30 32.89 -7.87
N LEU C 32 22.32 33.28 -8.62
CA LEU C 32 23.69 33.02 -8.21
C LEU C 32 24.08 33.94 -7.05
N MET C 33 24.54 33.33 -5.96
CA MET C 33 24.94 34.03 -4.74
C MET C 33 26.44 33.84 -4.51
N GLN C 34 26.94 34.45 -3.45
CA GLN C 34 28.36 34.35 -3.11
C GLN C 34 28.58 34.87 -1.70
N ASN C 35 29.50 34.23 -0.99
CA ASN C 35 29.90 34.60 0.35
C ASN C 35 31.41 34.55 0.44
N ILE C 36 31.97 35.17 1.47
CA ILE C 36 33.41 35.11 1.66
C ILE C 36 33.71 34.46 3.00
N MET C 37 33.67 33.12 3.00
CA MET C 37 33.98 32.29 4.16
C MET C 37 35.48 32.25 4.41
N ASN C 38 35.97 31.24 5.12
CA ASN C 38 37.33 31.16 5.66
C ASN C 38 38.39 31.85 4.81
N ASP C 39 38.64 31.42 3.57
CA ASP C 39 39.51 32.30 2.80
C ASP C 39 38.80 32.71 1.50
N MET C 40 38.27 31.76 0.68
CA MET C 40 37.39 32.18 -0.41
C MET C 40 36.35 31.13 -0.81
N PRO C 41 35.51 30.60 0.08
CA PRO C 41 34.39 29.79 -0.44
C PRO C 41 33.37 30.70 -1.07
N ILE C 42 33.31 30.74 -2.40
CA ILE C 42 32.52 31.70 -3.16
C ILE C 42 31.71 30.96 -4.22
N TYR C 43 30.92 31.74 -5.00
CA TYR C 43 30.21 31.21 -6.17
C TYR C 43 29.21 30.09 -5.94
N MET C 44 27.97 30.45 -5.57
CA MET C 44 26.94 29.49 -5.21
C MET C 44 25.59 29.92 -5.77
N TYR C 45 24.74 28.91 -6.08
CA TYR C 45 23.39 29.12 -6.56
C TYR C 45 22.39 28.64 -5.52
N SER C 46 21.21 29.27 -5.50
CA SER C 46 20.21 28.93 -4.49
C SER C 46 18.81 29.30 -4.98
N VAL C 47 17.82 28.72 -4.31
CA VAL C 47 16.40 29.06 -4.50
C VAL C 47 15.71 28.79 -3.17
N CYS C 48 14.86 29.74 -2.75
CA CYS C 48 14.22 29.66 -1.43
C CYS C 48 12.76 30.08 -1.53
N ASN C 49 12.05 29.55 -2.53
CA ASN C 49 10.65 29.90 -2.76
C ASN C 49 9.74 28.85 -2.10
N VAL C 50 9.71 28.91 -0.77
CA VAL C 50 8.97 27.92 0.02
C VAL C 50 7.51 28.33 0.22
N MET C 51 7.25 29.62 0.42
CA MET C 51 5.93 30.10 0.79
C MET C 51 5.01 30.33 -0.40
N SER C 52 5.35 29.81 -1.58
CA SER C 52 4.54 30.01 -2.76
C SER C 52 3.95 28.72 -3.31
N GLY C 53 4.78 27.71 -3.57
CA GLY C 53 4.30 26.48 -4.17
C GLY C 53 4.06 26.66 -5.66
N ASP C 54 3.69 25.54 -6.30
CA ASP C 54 3.47 25.49 -7.75
C ASP C 54 4.70 26.05 -8.49
N GLN C 55 5.86 25.54 -8.12
CA GLN C 55 7.14 26.09 -8.55
C GLN C 55 7.72 25.26 -9.69
N ASP C 56 8.13 25.93 -10.76
CA ASP C 56 8.72 25.29 -11.94
C ASP C 56 10.04 25.96 -12.29
N ASN C 57 10.90 26.13 -11.28
CA ASN C 57 12.17 26.82 -11.47
C ASN C 57 13.21 25.88 -12.07
N TRP C 58 13.94 26.38 -13.07
CA TRP C 58 14.96 25.59 -13.76
C TRP C 58 16.29 26.34 -13.74
N LEU C 59 17.37 25.56 -13.92
CA LEU C 59 18.71 26.11 -14.08
C LEU C 59 19.46 25.23 -15.07
N ARG C 60 19.88 25.84 -16.18
CA ARG C 60 20.57 25.13 -17.26
C ARG C 60 22.06 25.47 -17.25
N THR C 61 22.89 24.44 -17.35
CA THR C 61 24.33 24.63 -17.47
C THR C 61 24.72 24.87 -18.93
N ASN C 62 25.98 25.24 -19.13
CA ASN C 62 26.49 25.47 -20.46
C ASN C 62 26.83 24.15 -21.14
N TRP C 63 26.80 24.16 -22.48
CA TRP C 63 27.06 22.96 -23.25
C TRP C 63 28.46 22.42 -22.98
N VAL C 64 28.54 21.27 -22.33
CA VAL C 64 29.83 20.64 -22.07
C VAL C 64 30.25 19.85 -23.30
N TYR C 65 31.53 19.94 -23.66
CA TYR C 65 32.04 19.25 -24.83
C TYR C 65 32.36 17.82 -24.43
N ARG C 66 31.68 16.86 -25.08
CA ARG C 66 31.77 15.47 -24.65
C ARG C 66 33.18 14.92 -24.83
N GLY C 67 33.81 15.23 -25.96
CA GLY C 67 35.10 14.62 -26.25
C GLY C 67 34.97 13.12 -26.41
N GLU C 68 35.92 12.39 -25.83
CA GLU C 68 35.93 10.93 -25.90
C GLU C 68 35.13 10.28 -24.78
N ALA C 69 34.30 11.04 -24.07
CA ALA C 69 33.53 10.49 -22.97
C ALA C 69 32.42 9.57 -23.48
N GLU C 70 32.31 8.40 -22.87
CA GLU C 70 31.26 7.45 -23.19
C GLU C 70 30.29 7.21 -22.04
N ARG C 71 30.77 7.27 -20.79
CA ARG C 71 29.91 7.32 -19.62
C ARG C 71 30.35 8.49 -18.76
N ILE C 72 29.43 9.41 -18.48
CA ILE C 72 29.74 10.59 -17.68
C ILE C 72 29.21 10.38 -16.26
N PHE C 73 29.95 10.91 -15.30
CA PHE C 73 29.61 10.82 -13.88
C PHE C 73 29.35 12.22 -13.35
N ILE C 74 28.37 12.36 -12.47
CA ILE C 74 27.92 13.65 -11.98
C ILE C 74 28.00 13.62 -10.45
N GLU C 75 28.80 14.53 -9.88
CA GLU C 75 29.02 14.60 -8.45
C GLU C 75 28.55 15.96 -7.94
N LEU C 76 27.38 15.98 -7.30
CA LEU C 76 26.80 17.21 -6.79
C LEU C 76 27.11 17.38 -5.31
N LYS C 77 27.47 18.61 -4.92
CA LYS C 77 27.67 18.99 -3.54
C LYS C 77 26.66 20.08 -3.20
N PHE C 78 25.81 19.84 -2.21
CA PHE C 78 24.69 20.72 -1.94
C PHE C 78 24.28 20.61 -0.48
N THR C 79 23.45 21.56 -0.05
CA THR C 79 22.79 21.53 1.23
C THR C 79 21.31 21.89 1.04
N VAL C 80 20.48 21.42 1.96
CA VAL C 80 19.03 21.60 1.87
C VAL C 80 18.52 22.05 3.23
N ARG C 81 17.69 23.09 3.25
CA ARG C 81 17.09 23.55 4.48
C ARG C 81 16.01 22.56 4.93
N ASP C 82 15.37 22.89 6.06
CA ASP C 82 14.55 21.91 6.76
C ASP C 82 13.14 21.76 6.20
N CYS C 83 12.63 22.76 5.47
CA CYS C 83 11.25 22.79 5.01
C CYS C 83 10.28 22.87 6.19
N ASN C 84 10.82 22.94 7.41
CA ASN C 84 10.05 22.86 8.63
C ASN C 84 10.48 24.02 9.53
N SER C 85 11.72 24.47 9.36
CA SER C 85 12.24 25.57 10.16
C SER C 85 11.66 26.92 9.78
N PHE C 86 10.93 27.02 8.67
CA PHE C 86 10.26 28.25 8.29
C PHE C 86 8.76 28.11 8.53
N PRO C 87 8.20 28.73 9.58
CA PRO C 87 6.74 28.73 9.75
C PRO C 87 6.04 29.35 8.55
N GLY C 88 5.26 28.54 7.84
CA GLY C 88 4.56 29.01 6.67
C GLY C 88 4.76 28.15 5.44
N GLY C 89 5.42 27.00 5.61
CA GLY C 89 5.57 26.05 4.52
C GLY C 89 4.34 25.18 4.34
N ALA C 90 3.17 25.77 4.57
CA ALA C 90 1.90 25.03 4.61
C ALA C 90 1.57 24.53 3.21
N SER C 91 1.76 23.23 3.00
CA SER C 91 1.40 22.56 1.75
C SER C 91 2.00 23.27 0.55
N SER C 92 3.23 23.77 0.71
CA SER C 92 3.96 24.37 -0.39
C SER C 92 5.45 24.05 -0.36
N CYS C 93 5.91 23.24 0.59
CA CYS C 93 7.34 23.03 0.82
C CYS C 93 7.64 21.56 0.69
N LYS C 94 8.53 21.22 -0.25
CA LYS C 94 9.10 19.89 -0.38
C LYS C 94 10.62 20.03 -0.34
N GLU C 95 11.31 18.89 -0.16
CA GLU C 95 12.75 18.90 0.08
C GLU C 95 13.54 18.10 -0.94
N THR C 96 12.98 17.89 -2.13
CA THR C 96 13.66 17.13 -3.18
C THR C 96 13.67 17.93 -4.46
N PHE C 97 14.76 17.78 -5.21
CA PHE C 97 14.91 18.39 -6.53
C PHE C 97 15.13 17.29 -7.57
N ASN C 98 14.70 17.55 -8.80
CA ASN C 98 14.78 16.58 -9.88
C ASN C 98 15.90 16.98 -10.83
N LEU C 99 16.80 16.04 -11.09
CA LEU C 99 17.96 16.26 -11.96
C LEU C 99 17.67 15.70 -13.35
N TYR C 100 17.83 16.54 -14.37
CA TYR C 100 17.56 16.16 -15.75
C TYR C 100 18.86 16.18 -16.56
N TYR C 101 18.73 15.82 -17.83
CA TYR C 101 19.86 15.82 -18.76
C TYR C 101 19.33 15.71 -20.18
N ALA C 102 20.03 16.38 -21.11
CA ALA C 102 19.73 16.30 -22.53
C ALA C 102 21.02 16.20 -23.32
N GLU C 103 20.97 15.46 -24.41
CA GLU C 103 22.12 15.21 -25.28
C GLU C 103 21.93 16.01 -26.57
N SER C 104 22.93 16.84 -26.89
CA SER C 104 22.84 17.71 -28.06
C SER C 104 24.15 17.72 -28.81
N ASP C 105 24.04 17.85 -30.14
CA ASP C 105 25.18 17.98 -31.04
C ASP C 105 25.64 19.43 -31.24
N LEU C 106 24.88 20.40 -30.75
CA LEU C 106 25.15 21.81 -31.01
C LEU C 106 25.02 22.60 -29.71
N ASP C 107 25.94 23.54 -29.50
CA ASP C 107 25.83 24.44 -28.37
C ASP C 107 24.72 25.45 -28.65
N TYR C 108 23.75 25.56 -27.74
CA TYR C 108 22.65 26.51 -27.94
C TYR C 108 22.67 27.68 -26.96
N GLY C 109 22.52 27.42 -25.66
CA GLY C 109 22.54 28.53 -24.72
C GLY C 109 21.26 29.36 -24.70
N THR C 110 20.82 29.78 -23.51
CA THR C 110 19.67 30.67 -23.35
C THR C 110 18.43 30.12 -24.05
N ASN C 111 18.36 28.81 -24.30
CA ASN C 111 17.23 28.30 -25.07
C ASN C 111 16.56 27.08 -24.40
N PHE C 112 16.52 27.04 -23.06
CA PHE C 112 15.72 26.02 -22.39
C PHE C 112 14.26 26.15 -22.83
N GLN C 113 13.71 25.16 -23.58
CA GLN C 113 12.37 25.32 -24.16
C GLN C 113 11.34 24.32 -23.61
N LYS C 114 11.52 23.99 -22.34
CA LYS C 114 10.80 23.20 -21.34
C LYS C 114 10.16 21.88 -21.76
N ARG C 115 10.64 21.15 -22.76
CA ARG C 115 9.90 19.90 -22.94
C ARG C 115 10.89 18.77 -22.94
N LEU C 116 11.81 18.89 -23.89
CA LEU C 116 12.80 17.91 -24.30
C LEU C 116 13.98 17.99 -23.34
N PHE C 117 13.79 17.36 -22.19
CA PHE C 117 14.86 17.22 -21.20
C PHE C 117 14.55 15.96 -20.43
N THR C 118 15.40 14.96 -20.58
CA THR C 118 15.20 13.68 -19.92
C THR C 118 15.72 13.75 -18.50
N LYS C 119 15.03 13.04 -17.61
CA LYS C 119 15.30 13.10 -16.18
C LYS C 119 16.17 11.93 -15.75
N ILE C 120 17.04 12.18 -14.78
CA ILE C 120 17.92 11.15 -14.25
C ILE C 120 17.26 10.48 -13.05
N ASP C 121 16.98 11.27 -12.01
CA ASP C 121 16.35 10.78 -10.79
C ASP C 121 16.05 11.98 -9.90
N THR C 122 15.05 11.84 -9.04
CA THR C 122 14.73 12.85 -8.05
C THR C 122 15.62 12.62 -6.83
N ILE C 123 16.56 13.53 -6.60
CA ILE C 123 17.49 13.41 -5.50
C ILE C 123 16.90 14.07 -4.26
N ALA C 124 17.44 13.68 -3.10
CA ALA C 124 17.08 14.26 -1.81
C ALA C 124 18.28 14.12 -0.90
N PRO C 125 18.45 15.03 0.06
CA PRO C 125 19.62 14.94 0.94
C PRO C 125 19.51 13.76 1.90
N ASP C 126 20.66 13.16 2.21
CA ASP C 126 20.73 12.17 3.27
C ASP C 126 21.08 12.79 4.61
N GLU C 127 21.47 14.06 4.63
CA GLU C 127 21.57 14.86 5.84
C GLU C 127 21.00 16.22 5.51
N ILE C 128 20.15 16.74 6.37
CA ILE C 128 19.44 17.99 6.12
C ILE C 128 20.11 19.09 6.92
N THR C 129 20.42 20.21 6.26
CA THR C 129 21.01 21.35 6.96
C THR C 129 19.92 22.00 7.80
N VAL C 130 19.99 21.81 9.11
CA VAL C 130 18.98 22.32 10.03
C VAL C 130 19.62 23.36 10.95
N SER C 131 18.89 24.45 11.19
CA SER C 131 19.33 25.51 12.07
C SER C 131 18.14 26.41 12.36
N SER C 132 18.12 26.99 13.56
CA SER C 132 17.08 27.94 13.95
C SER C 132 17.44 29.36 13.53
N ASP C 133 17.80 29.55 12.27
CA ASP C 133 18.22 30.85 11.77
C ASP C 133 18.27 30.83 10.23
N PHE C 134 17.92 31.97 9.63
CA PHE C 134 17.89 32.05 8.18
C PHE C 134 19.28 31.83 7.58
N GLU C 135 20.32 32.38 8.20
CA GLU C 135 21.70 32.21 7.74
C GLU C 135 22.21 30.83 8.22
N ALA C 136 22.67 30.00 7.29
CA ALA C 136 23.07 28.61 7.61
C ALA C 136 24.22 28.52 8.59
N ARG C 137 24.07 27.63 9.58
CA ARG C 137 24.78 27.74 10.86
C ARG C 137 25.84 26.67 11.15
N HIS C 138 26.61 26.28 10.15
CA HIS C 138 27.62 25.23 9.95
C HIS C 138 26.78 24.27 9.12
N VAL C 139 27.20 23.91 7.91
CA VAL C 139 26.26 23.22 7.05
C VAL C 139 26.61 21.74 7.01
N LYS C 140 25.72 20.98 6.41
CA LYS C 140 25.97 19.56 6.21
C LYS C 140 25.90 19.37 4.70
N LEU C 141 27.08 19.23 4.10
CA LEU C 141 27.21 19.19 2.65
C LEU C 141 26.90 17.78 2.22
N ASN C 142 25.77 17.62 1.54
CA ASN C 142 25.42 16.33 0.99
C ASN C 142 26.26 16.05 -0.26
N VAL C 143 26.63 14.79 -0.44
CA VAL C 143 27.46 14.36 -1.55
C VAL C 143 26.82 13.10 -2.12
N GLU C 144 26.20 13.21 -3.29
CA GLU C 144 25.62 12.08 -3.98
C GLU C 144 26.07 12.09 -5.44
N GLU C 145 26.08 10.92 -6.05
CA GLU C 145 26.71 10.73 -7.36
C GLU C 145 25.85 9.83 -8.23
N ARG C 146 25.56 10.29 -9.45
CA ARG C 146 24.87 9.51 -10.47
C ARG C 146 25.68 9.49 -11.75
N SER C 147 25.34 8.56 -12.64
CA SER C 147 25.94 8.48 -13.96
C SER C 147 24.87 8.12 -14.98
N VAL C 148 25.05 8.62 -16.21
CA VAL C 148 24.15 8.31 -17.31
C VAL C 148 24.98 8.04 -18.56
N GLY C 149 24.64 6.99 -19.28
CA GLY C 149 25.33 6.62 -20.49
C GLY C 149 24.66 5.45 -21.18
N PRO C 150 25.11 5.11 -22.39
CA PRO C 150 26.18 5.74 -23.18
C PRO C 150 25.72 7.01 -23.88
N LEU C 151 26.65 7.89 -24.25
CA LEU C 151 26.33 9.14 -24.93
C LEU C 151 26.55 8.99 -26.44
N THR C 152 25.75 9.73 -27.19
CA THR C 152 25.68 9.60 -28.64
C THR C 152 26.17 10.84 -29.38
N ARG C 153 25.88 12.03 -28.87
CA ARG C 153 26.18 13.27 -29.57
C ARG C 153 27.56 13.79 -29.16
N LYS C 154 27.92 14.95 -29.70
CA LYS C 154 29.20 15.60 -29.39
C LYS C 154 29.17 16.33 -28.05
N GLY C 155 28.04 16.30 -27.33
CA GLY C 155 27.96 16.97 -26.06
C GLY C 155 26.65 16.67 -25.37
N PHE C 156 26.40 17.40 -24.29
CA PHE C 156 25.20 17.18 -23.49
C PHE C 156 24.89 18.45 -22.70
N TYR C 157 23.71 18.47 -22.09
CA TYR C 157 23.28 19.56 -21.24
C TYR C 157 22.81 19.01 -19.90
N LEU C 158 23.01 19.79 -18.85
CA LEU C 158 22.53 19.47 -17.52
C LEU C 158 21.39 20.42 -17.14
N ALA C 159 20.50 19.94 -16.28
CA ALA C 159 19.34 20.71 -15.86
C ALA C 159 19.12 20.52 -14.36
N PHE C 160 18.43 21.50 -13.77
CA PHE C 160 18.16 21.50 -12.32
C PHE C 160 16.74 21.99 -12.11
N GLN C 161 15.83 21.08 -11.79
CA GLN C 161 14.42 21.39 -11.61
C GLN C 161 14.10 21.49 -10.12
N ASP C 162 13.43 22.57 -9.73
CA ASP C 162 13.06 22.83 -8.35
C ASP C 162 11.55 23.00 -8.25
N ILE C 163 10.97 22.45 -7.18
CA ILE C 163 9.54 22.55 -6.93
C ILE C 163 9.25 23.35 -5.67
N GLY C 164 10.17 24.22 -5.25
CA GLY C 164 9.93 25.10 -4.13
C GLY C 164 10.67 24.74 -2.85
N ALA C 165 11.90 24.27 -3.00
CA ALA C 165 12.74 23.90 -1.87
C ALA C 165 13.82 24.95 -1.64
N CYS C 166 14.28 25.07 -0.40
CA CYS C 166 15.38 25.98 -0.06
C CYS C 166 16.67 25.17 -0.11
N VAL C 167 17.23 25.06 -1.30
CA VAL C 167 18.45 24.28 -1.55
C VAL C 167 19.56 25.25 -1.94
N ALA C 168 20.80 24.83 -1.68
CA ALA C 168 21.99 25.62 -1.99
C ALA C 168 22.95 24.76 -2.79
N LEU C 169 22.99 24.98 -4.11
CA LEU C 169 23.91 24.25 -4.98
C LEU C 169 25.30 24.81 -4.82
N LEU C 170 26.24 23.98 -4.38
CA LEU C 170 27.60 24.41 -4.10
C LEU C 170 28.63 23.93 -5.11
N SER C 171 28.44 22.75 -5.70
CA SER C 171 29.39 22.27 -6.69
C SER C 171 28.69 21.29 -7.63
N VAL C 172 29.24 21.19 -8.85
CA VAL C 172 28.80 20.21 -9.84
C VAL C 172 30.05 19.74 -10.58
N ARG C 173 30.38 18.45 -10.44
CA ARG C 173 31.53 17.86 -11.12
C ARG C 173 31.05 16.83 -12.13
N VAL C 174 31.63 16.87 -13.32
CA VAL C 174 31.32 15.92 -14.39
C VAL C 174 32.62 15.32 -14.88
N TYR C 175 32.76 13.99 -14.78
CA TYR C 175 33.97 13.30 -15.19
C TYR C 175 33.60 11.97 -15.81
N TYR C 176 34.57 11.40 -16.52
CA TYR C 176 34.45 10.04 -17.07
C TYR C 176 35.73 9.27 -16.76
N LYS C 177 35.58 7.96 -16.62
CA LYS C 177 36.71 7.14 -16.20
C LYS C 177 37.60 6.79 -17.40
N LYS C 178 38.86 6.46 -17.09
CA LYS C 178 39.84 6.14 -18.10
C LYS C 178 40.91 5.27 -17.46
N CYS C 179 41.27 4.18 -18.11
CA CYS C 179 42.26 3.25 -17.57
C CYS C 179 43.67 3.81 -17.70
N PRO C 180 44.43 3.95 -16.60
CA PRO C 180 45.63 4.83 -16.52
C PRO C 180 46.98 4.19 -16.84
N GLU C 181 47.17 3.81 -18.11
CA GLU C 181 48.48 3.53 -18.71
C GLU C 181 49.35 2.63 -17.81
N LEU C 182 48.91 1.38 -17.69
CA LEU C 182 49.69 0.43 -16.90
C LEU C 182 50.84 -0.13 -17.73
N LEU C 183 51.85 -0.64 -17.02
CA LEU C 183 53.08 -1.13 -17.63
C LEU C 183 53.49 -2.51 -17.12
N GLN C 184 52.72 -3.13 -16.23
CA GLN C 184 53.10 -4.41 -15.68
C GLN C 184 53.03 -5.49 -16.77
N GLY C 185 53.80 -6.55 -16.58
CA GLY C 185 53.87 -7.60 -17.57
C GLY C 185 54.75 -7.27 -18.76
N LEU C 186 55.72 -6.37 -18.57
CA LEU C 186 56.66 -5.98 -19.63
C LEU C 186 55.95 -5.48 -20.89
N ALA C 187 54.77 -4.89 -20.71
CA ALA C 187 53.99 -4.40 -21.84
C ALA C 187 53.43 -3.02 -21.52
N HIS C 188 53.54 -2.11 -22.48
CA HIS C 188 53.03 -0.75 -22.31
C HIS C 188 51.56 -0.75 -22.74
N PHE C 189 50.67 -0.77 -21.76
CA PHE C 189 49.25 -0.67 -22.03
C PHE C 189 48.89 0.80 -22.11
N PRO C 190 48.33 1.28 -23.23
CA PRO C 190 48.05 2.72 -23.36
C PRO C 190 46.87 3.13 -22.51
N GLU C 191 46.80 4.44 -22.25
CA GLU C 191 45.66 4.99 -21.53
C GLU C 191 44.48 5.06 -22.49
N THR C 192 43.37 4.43 -22.12
CA THR C 192 42.22 4.26 -23.00
C THR C 192 40.95 4.71 -22.30
N ILE C 193 39.84 4.64 -23.03
CA ILE C 193 38.58 5.18 -22.57
C ILE C 193 37.81 4.08 -21.85
N ALA C 194 36.87 4.48 -20.99
CA ALA C 194 36.00 3.55 -20.31
C ALA C 194 34.83 3.16 -21.21
N GLY C 195 34.04 2.19 -20.75
CA GLY C 195 32.88 1.73 -21.46
C GLY C 195 31.58 2.28 -20.87
N SER C 196 30.46 1.76 -21.38
CA SER C 196 29.17 2.34 -21.00
C SER C 196 28.68 1.86 -19.63
N ASP C 197 28.24 0.62 -19.50
CA ASP C 197 27.87 0.15 -18.16
C ASP C 197 28.22 -1.32 -17.90
N ALA C 198 27.86 -2.18 -18.84
CA ALA C 198 28.18 -3.61 -18.90
C ALA C 198 29.61 -3.87 -19.36
N PRO C 199 30.21 -2.92 -20.06
CA PRO C 199 30.86 -3.23 -21.34
C PRO C 199 32.07 -4.14 -21.34
N SER C 200 33.17 -3.72 -20.70
CA SER C 200 34.45 -4.42 -20.70
C SER C 200 34.64 -5.17 -22.01
N LEU C 201 34.84 -6.49 -21.94
CA LEU C 201 34.79 -7.38 -23.10
C LEU C 201 35.77 -6.94 -24.19
N ALA C 202 36.62 -5.97 -23.87
CA ALA C 202 37.70 -5.55 -24.75
C ALA C 202 39.04 -5.94 -24.12
N THR C 203 40.01 -6.21 -24.97
CA THR C 203 41.31 -6.68 -24.54
C THR C 203 42.40 -5.74 -25.04
N VAL C 204 42.35 -4.47 -24.60
CA VAL C 204 43.26 -3.49 -25.17
C VAL C 204 44.68 -3.95 -24.90
N ALA C 205 45.44 -4.14 -25.96
CA ALA C 205 46.74 -4.78 -25.86
C ALA C 205 47.79 -3.83 -25.32
N GLY C 206 48.93 -4.42 -24.94
CA GLY C 206 50.08 -3.69 -24.48
C GLY C 206 51.13 -3.62 -25.58
N THR C 207 52.21 -2.91 -25.27
CA THR C 207 53.34 -2.77 -26.18
C THR C 207 54.54 -3.38 -25.49
N CYS C 208 55.03 -4.50 -26.01
CA CYS C 208 56.21 -5.16 -25.46
C CYS C 208 57.33 -4.15 -25.33
N VAL C 209 57.81 -3.95 -24.10
CA VAL C 209 58.84 -2.96 -23.83
C VAL C 209 60.15 -3.42 -24.43
N ASP C 210 61.15 -2.54 -24.46
CA ASP C 210 62.44 -2.88 -25.04
C ASP C 210 62.98 -4.15 -24.41
N HIS C 211 63.49 -5.05 -25.24
CA HIS C 211 64.04 -6.34 -24.86
C HIS C 211 62.99 -7.25 -24.21
N ALA C 212 61.72 -6.95 -24.40
CA ALA C 212 60.63 -7.84 -24.01
C ALA C 212 59.95 -8.37 -25.27
N VAL C 213 59.76 -9.68 -25.34
CA VAL C 213 59.15 -10.31 -26.50
C VAL C 213 58.12 -11.33 -26.03
N VAL C 214 56.97 -11.34 -26.70
CA VAL C 214 55.97 -12.38 -26.42
C VAL C 214 56.56 -13.74 -26.76
N PRO C 215 56.41 -14.75 -25.90
CA PRO C 215 56.91 -16.09 -26.24
C PRO C 215 56.30 -16.57 -27.54
N PRO C 216 57.11 -17.18 -28.43
CA PRO C 216 56.70 -17.70 -29.74
C PRO C 216 55.42 -18.54 -29.70
N GLU C 219 50.23 -16.27 -26.32
CA GLU C 219 49.40 -15.10 -26.56
C GLU C 219 50.05 -13.83 -26.04
N GLU C 220 49.72 -12.71 -26.69
CA GLU C 220 50.24 -11.38 -26.38
C GLU C 220 49.51 -10.79 -25.17
N PRO C 221 50.20 -9.94 -24.40
CA PRO C 221 49.57 -9.34 -23.21
C PRO C 221 48.38 -8.46 -23.60
N ARG C 222 47.27 -8.65 -22.88
CA ARG C 222 46.07 -7.88 -23.09
C ARG C 222 45.37 -7.68 -21.75
N MET C 223 44.87 -6.47 -21.53
CA MET C 223 44.23 -6.11 -20.28
C MET C 223 42.87 -5.48 -20.57
N HIS C 224 41.88 -5.84 -19.76
CA HIS C 224 40.50 -5.44 -19.98
C HIS C 224 40.23 -4.12 -19.26
N CYS C 225 40.09 -3.05 -20.02
CA CYS C 225 39.64 -1.78 -19.45
C CYS C 225 38.16 -1.88 -19.15
N ALA C 226 37.75 -1.34 -18.01
CA ALA C 226 36.40 -1.55 -17.50
C ALA C 226 35.69 -0.20 -17.31
N VAL C 227 34.41 -0.29 -16.92
CA VAL C 227 33.60 0.91 -16.75
C VAL C 227 34.10 1.74 -15.57
N ASP C 228 34.57 1.08 -14.51
CA ASP C 228 35.01 1.81 -13.31
C ASP C 228 36.33 2.54 -13.53
N GLY C 229 37.01 2.30 -14.65
CA GLY C 229 38.33 2.86 -14.89
C GLY C 229 39.48 1.97 -14.48
N GLU C 230 39.21 0.71 -14.16
CA GLU C 230 40.22 -0.23 -13.71
C GLU C 230 40.54 -1.24 -14.81
N TRP C 231 41.83 -1.47 -15.04
CA TRP C 231 42.24 -2.59 -15.88
C TRP C 231 41.89 -3.91 -15.19
N LEU C 232 41.84 -4.99 -15.97
CA LEU C 232 41.44 -6.26 -15.39
C LEU C 232 42.08 -7.41 -16.15
N VAL C 233 42.20 -8.54 -15.43
CA VAL C 233 42.49 -9.88 -15.94
C VAL C 233 43.49 -9.89 -17.09
N PRO C 234 44.77 -9.66 -16.81
CA PRO C 234 45.79 -9.76 -17.87
C PRO C 234 45.82 -11.16 -18.49
N ILE C 235 45.81 -11.21 -19.82
CA ILE C 235 45.91 -12.45 -20.58
C ILE C 235 47.12 -12.34 -21.49
N GLY C 236 48.06 -13.27 -21.34
CA GLY C 236 49.32 -13.20 -22.06
C GLY C 236 50.31 -12.28 -21.36
N GLN C 237 51.53 -12.27 -21.88
CA GLN C 237 52.58 -11.48 -21.26
C GLN C 237 53.75 -11.34 -22.22
N CYS C 238 54.62 -10.37 -21.91
CA CYS C 238 55.90 -10.19 -22.57
C CYS C 238 57.00 -10.80 -21.70
N LEU C 239 58.05 -11.31 -22.35
CA LEU C 239 59.16 -11.95 -21.68
C LEU C 239 60.46 -11.25 -22.05
N CYS C 240 61.32 -11.01 -21.06
CA CYS C 240 62.63 -10.42 -21.34
C CYS C 240 63.38 -11.30 -22.32
N GLN C 241 63.93 -10.70 -23.37
CA GLN C 241 64.55 -11.47 -24.43
C GLN C 241 65.87 -12.07 -23.95
N ALA C 242 66.50 -12.84 -24.83
CA ALA C 242 67.82 -13.37 -24.55
C ALA C 242 68.82 -12.24 -24.32
N GLY C 243 69.67 -12.41 -23.31
CA GLY C 243 70.65 -11.41 -22.96
C GLY C 243 70.15 -10.31 -22.04
N TYR C 244 68.92 -10.42 -21.52
CA TYR C 244 68.36 -9.36 -20.70
C TYR C 244 67.64 -9.97 -19.50
N GLU C 245 67.57 -9.20 -18.42
CA GLU C 245 66.94 -9.63 -17.18
C GLU C 245 66.00 -8.53 -16.67
N LYS C 246 65.01 -8.96 -15.88
CA LYS C 246 64.00 -8.05 -15.33
C LYS C 246 64.61 -7.30 -14.16
N VAL C 247 64.93 -6.03 -14.37
CA VAL C 247 65.39 -5.12 -13.31
C VAL C 247 64.32 -4.04 -13.16
N GLU C 248 63.59 -4.09 -12.05
CA GLU C 248 62.44 -3.20 -11.79
C GLU C 248 61.42 -3.51 -12.88
N ASP C 249 60.83 -2.50 -13.54
CA ASP C 249 59.84 -2.73 -14.59
C ASP C 249 60.42 -2.50 -15.98
N ALA C 250 61.69 -2.83 -16.18
CA ALA C 250 62.34 -2.71 -17.47
C ALA C 250 63.37 -3.81 -17.63
N CYS C 251 63.49 -4.36 -18.83
CA CYS C 251 64.47 -5.41 -19.09
C CYS C 251 65.85 -4.77 -19.17
N GLN C 252 66.80 -5.28 -18.39
CA GLN C 252 68.15 -4.73 -18.34
C GLN C 252 69.16 -5.75 -18.81
N ALA C 253 70.24 -5.27 -19.41
CA ALA C 253 71.26 -6.14 -19.97
C ALA C 253 71.94 -6.96 -18.89
N CYS C 254 72.33 -8.18 -19.27
CA CYS C 254 73.04 -9.06 -18.35
C CYS C 254 74.35 -8.44 -17.91
N SER C 255 74.63 -8.51 -16.61
CA SER C 255 75.87 -7.98 -16.09
C SER C 255 77.05 -8.81 -16.62
N PRO C 256 78.25 -8.21 -16.67
CA PRO C 256 79.42 -8.96 -17.12
C PRO C 256 79.61 -10.22 -16.30
N GLY C 257 79.88 -11.33 -16.99
CA GLY C 257 79.90 -12.63 -16.35
C GLY C 257 78.56 -13.34 -16.33
N PHE C 258 77.55 -12.82 -17.02
CA PHE C 258 76.22 -13.43 -17.00
C PHE C 258 75.66 -13.49 -18.42
N PHE C 259 74.77 -14.45 -18.64
CA PHE C 259 74.15 -14.67 -19.94
C PHE C 259 72.68 -15.04 -19.75
N LYS C 260 71.94 -15.01 -20.86
CA LYS C 260 70.52 -15.37 -20.89
C LYS C 260 70.25 -16.07 -22.23
N PHE C 261 70.29 -17.40 -22.22
CA PHE C 261 70.16 -18.18 -23.45
C PHE C 261 68.90 -17.86 -24.24
N GLU C 262 67.74 -17.81 -23.57
CA GLU C 262 66.48 -17.62 -24.27
C GLU C 262 65.59 -16.64 -23.53
N ALA C 263 64.57 -16.17 -24.24
CA ALA C 263 63.58 -15.23 -23.72
C ALA C 263 62.75 -15.90 -22.64
N SER C 264 63.01 -15.56 -21.38
CA SER C 264 62.32 -16.17 -20.26
C SER C 264 62.32 -15.20 -19.09
N GLU C 265 61.48 -15.50 -18.09
CA GLU C 265 61.46 -14.69 -16.89
C GLU C 265 62.65 -14.92 -15.98
N SER C 266 63.45 -15.96 -16.23
CA SER C 266 64.60 -16.24 -15.39
C SER C 266 65.60 -15.09 -15.41
N PRO C 267 66.21 -14.76 -14.27
CA PRO C 267 67.27 -13.74 -14.25
C PRO C 267 68.48 -14.21 -15.04
N CYS C 268 69.44 -13.31 -15.22
CA CYS C 268 70.64 -13.64 -15.96
C CYS C 268 71.38 -14.80 -15.32
N LEU C 269 71.68 -15.81 -16.14
CA LEU C 269 72.47 -16.94 -15.69
C LEU C 269 73.95 -16.63 -15.83
N GLU C 270 74.74 -17.06 -14.84
CA GLU C 270 76.18 -16.92 -14.92
C GLU C 270 76.75 -18.06 -15.74
N CYS C 271 77.86 -17.79 -16.43
CA CYS C 271 78.49 -18.81 -17.26
C CYS C 271 78.77 -20.03 -16.40
N PRO C 272 78.30 -21.23 -16.80
CA PRO C 272 78.34 -22.39 -15.89
C PRO C 272 79.73 -22.87 -15.50
N GLU C 273 80.54 -23.26 -16.49
CA GLU C 273 81.84 -23.88 -16.24
C GLU C 273 82.54 -24.13 -17.56
N HIS C 274 83.88 -24.15 -17.55
CA HIS C 274 84.69 -24.38 -18.74
C HIS C 274 84.36 -23.39 -19.84
N THR C 275 83.80 -22.26 -19.45
CA THR C 275 83.45 -21.17 -20.35
C THR C 275 83.79 -19.89 -19.63
N LEU C 276 84.48 -18.99 -20.32
CA LEU C 276 84.83 -17.72 -19.71
C LEU C 276 83.56 -16.93 -19.41
N PRO C 277 83.52 -16.20 -18.29
CA PRO C 277 82.31 -15.43 -17.92
C PRO C 277 81.71 -14.64 -19.06
N SER C 278 80.47 -14.97 -19.42
CA SER C 278 79.82 -14.31 -20.55
C SER C 278 79.74 -12.81 -20.32
N PRO C 279 80.12 -11.99 -21.30
CA PRO C 279 80.20 -10.54 -21.07
C PRO C 279 78.85 -9.87 -20.87
N GLU C 280 78.87 -8.54 -20.76
CA GLU C 280 77.64 -7.79 -20.50
C GLU C 280 76.62 -8.04 -21.61
N GLY C 281 75.37 -8.28 -21.19
CA GLY C 281 74.29 -8.50 -22.14
C GLY C 281 74.44 -9.72 -23.00
N ALA C 282 75.22 -10.71 -22.56
CA ALA C 282 75.45 -11.90 -23.37
C ALA C 282 74.21 -12.79 -23.41
N THR C 283 74.01 -13.43 -24.56
CA THR C 283 73.00 -14.47 -24.71
C THR C 283 73.58 -15.89 -24.62
N SER C 284 74.77 -16.11 -25.16
CA SER C 284 75.40 -17.43 -25.14
C SER C 284 76.78 -17.36 -24.49
N CYS C 285 77.13 -18.44 -23.78
CA CYS C 285 78.36 -18.49 -23.01
C CYS C 285 79.51 -18.84 -23.94
N GLU C 286 80.44 -17.90 -24.13
CA GLU C 286 81.65 -18.16 -24.91
C GLU C 286 82.55 -19.19 -24.22
N CYS C 287 82.98 -20.21 -24.97
CA CYS C 287 83.80 -21.28 -24.44
C CYS C 287 85.20 -20.79 -24.04
N GLU C 288 85.94 -21.67 -23.36
CA GLU C 288 87.27 -21.43 -22.83
C GLU C 288 88.30 -22.17 -23.68
N GLU C 289 89.59 -21.81 -23.51
CA GLU C 289 90.68 -22.38 -24.30
C GLU C 289 90.71 -23.90 -24.28
N GLY C 290 90.41 -24.53 -25.42
CA GLY C 290 90.32 -25.97 -25.47
C GLY C 290 89.02 -26.54 -24.97
N PHE C 291 88.30 -25.79 -24.13
CA PHE C 291 87.02 -26.24 -23.61
C PHE C 291 85.96 -25.92 -24.65
N PHE C 292 85.14 -26.92 -25.00
CA PHE C 292 84.18 -26.76 -26.08
C PHE C 292 82.77 -27.08 -25.60
N ARG C 293 81.80 -26.33 -26.10
CA ARG C 293 80.39 -26.56 -25.76
C ARG C 293 79.93 -27.82 -26.47
N ALA C 294 79.61 -28.86 -25.69
CA ALA C 294 79.25 -30.14 -26.24
C ALA C 294 77.99 -30.01 -27.10
N PRO C 295 77.85 -30.84 -28.14
CA PRO C 295 76.72 -30.67 -29.06
C PRO C 295 75.36 -30.59 -28.37
N GLN C 296 75.09 -31.49 -27.42
CA GLN C 296 73.84 -31.40 -26.66
C GLN C 296 73.89 -30.26 -25.65
N ASP C 297 75.08 -29.88 -25.20
CA ASP C 297 75.21 -28.87 -24.16
C ASP C 297 74.74 -27.52 -24.67
N PRO C 298 73.74 -26.90 -24.06
CA PRO C 298 73.37 -25.53 -24.46
C PRO C 298 74.19 -24.49 -23.73
N ALA C 299 73.86 -23.21 -23.93
CA ALA C 299 74.58 -22.15 -23.24
C ALA C 299 74.49 -22.30 -21.72
N SER C 300 73.44 -22.97 -21.24
CA SER C 300 73.27 -23.17 -19.80
C SER C 300 74.24 -24.20 -19.24
N MET C 301 74.72 -25.13 -20.08
CA MET C 301 75.53 -26.25 -19.60
C MET C 301 77.00 -26.03 -19.97
N PRO C 302 77.92 -26.29 -19.03
CA PRO C 302 79.34 -25.99 -19.23
C PRO C 302 79.95 -26.49 -20.54
N CYS C 303 80.83 -25.65 -21.11
CA CYS C 303 81.57 -25.95 -22.35
C CYS C 303 82.56 -27.08 -22.05
N THR C 304 82.07 -28.31 -22.11
CA THR C 304 82.82 -29.51 -21.76
C THR C 304 84.24 -29.51 -22.33
N LEU C 305 85.22 -29.63 -21.44
CA LEU C 305 86.64 -29.53 -21.77
C LEU C 305 87.03 -30.29 -23.04
N LYS D 5 22.75 -15.01 -11.75
CA LYS D 5 21.39 -15.20 -11.27
C LYS D 5 21.15 -14.46 -9.97
N GLU D 6 19.95 -14.59 -9.42
CA GLU D 6 19.56 -13.92 -8.20
C GLU D 6 18.96 -14.93 -7.24
N VAL D 7 19.45 -14.94 -6.00
CA VAL D 7 18.93 -15.81 -4.95
C VAL D 7 18.22 -14.91 -3.94
N VAL D 8 16.89 -14.98 -3.93
CA VAL D 8 16.09 -14.07 -3.12
C VAL D 8 16.24 -14.44 -1.64
N LEU D 9 16.51 -13.42 -0.81
CA LEU D 9 16.66 -13.61 0.62
C LEU D 9 15.48 -13.07 1.42
N LEU D 10 14.64 -12.23 0.83
CA LEU D 10 13.48 -11.68 1.52
C LEU D 10 12.51 -11.04 0.53
N ASP D 11 11.23 -11.41 0.62
CA ASP D 11 10.18 -10.80 -0.19
C ASP D 11 9.00 -10.46 0.70
N PHE D 12 8.48 -9.24 0.53
CA PHE D 12 7.31 -8.83 1.31
C PHE D 12 6.02 -9.37 0.73
N ALA D 13 5.96 -9.58 -0.58
CA ALA D 13 4.76 -10.11 -1.23
C ALA D 13 4.78 -11.63 -1.32
N ALA D 14 5.04 -12.28 -0.20
CA ALA D 14 5.02 -13.73 -0.08
C ALA D 14 4.15 -14.20 1.07
N ALA D 15 4.14 -13.45 2.17
CA ALA D 15 3.32 -13.79 3.33
C ALA D 15 2.71 -12.50 3.87
N GLY D 16 1.69 -12.65 4.71
CA GLY D 16 0.99 -11.51 5.28
C GLY D 16 1.86 -10.64 6.17
N GLY D 17 2.26 -9.48 5.66
CA GLY D 17 3.27 -8.69 6.35
C GLY D 17 4.62 -9.36 6.38
N GLU D 18 4.91 -10.20 5.38
CA GLU D 18 5.95 -11.22 5.43
C GLU D 18 5.80 -12.08 6.68
N LEU D 19 4.61 -12.07 7.28
CA LEU D 19 4.35 -12.66 8.59
C LEU D 19 5.44 -12.22 9.59
N GLY D 20 5.54 -10.90 9.81
CA GLY D 20 6.46 -10.35 10.80
C GLY D 20 6.54 -8.83 10.76
N TRP D 21 7.69 -8.31 11.24
CA TRP D 21 8.11 -6.90 11.20
C TRP D 21 7.56 -6.08 12.37
N LEU D 22 8.37 -5.16 12.89
CA LEU D 22 8.09 -4.42 14.12
C LEU D 22 7.76 -2.96 13.83
N THR D 23 6.89 -2.38 14.66
CA THR D 23 6.57 -0.96 14.63
C THR D 23 7.06 -0.36 15.95
N HIS D 24 8.17 0.37 15.91
CA HIS D 24 8.78 0.89 17.13
C HIS D 24 7.87 1.83 17.90
N PRO D 25 7.20 2.83 17.29
CA PRO D 25 6.34 3.71 18.10
C PRO D 25 5.06 3.03 18.56
N TYR D 26 5.21 1.82 19.11
CA TYR D 26 4.12 0.98 19.59
C TYR D 26 2.99 0.94 18.55
N GLY D 27 1.74 1.08 18.99
CA GLY D 27 0.63 1.04 18.05
C GLY D 27 0.64 2.18 17.06
N LYS D 28 0.88 3.40 17.53
CA LYS D 28 0.88 4.56 16.66
C LYS D 28 2.05 4.50 15.68
N GLY D 29 1.93 5.27 14.61
CA GLY D 29 2.98 5.30 13.61
C GLY D 29 2.70 4.30 12.49
N TRP D 30 3.73 3.55 12.12
CA TRP D 30 3.58 2.54 11.08
C TRP D 30 2.52 1.53 11.46
N ASP D 31 1.70 1.15 10.48
CA ASP D 31 0.64 0.17 10.68
C ASP D 31 0.51 -0.64 9.40
N LEU D 32 0.52 -1.96 9.54
CA LEU D 32 0.44 -2.83 8.37
C LEU D 32 -0.95 -2.75 7.77
N MET D 33 -1.01 -2.51 6.47
CA MET D 33 -2.25 -2.31 5.74
C MET D 33 -2.46 -3.48 4.78
N GLN D 34 -3.66 -3.55 4.18
CA GLN D 34 -3.97 -4.66 3.24
C GLN D 34 -5.23 -4.33 2.45
N ASN D 35 -5.33 -4.85 1.22
CA ASN D 35 -6.55 -4.65 0.39
C ASN D 35 -6.93 -5.99 -0.24
N ILE D 36 -8.22 -6.27 -0.36
CA ILE D 36 -8.68 -7.59 -0.89
C ILE D 36 -9.47 -7.37 -2.19
N MET D 37 -8.98 -6.50 -3.07
CA MET D 37 -9.64 -6.25 -4.35
C MET D 37 -10.01 -7.56 -5.04
N ASN D 38 -9.26 -8.62 -4.79
CA ASN D 38 -9.51 -9.92 -5.44
C ASN D 38 -9.27 -11.01 -4.40
N ASP D 39 -9.22 -12.26 -4.85
CA ASP D 39 -8.91 -13.37 -3.97
C ASP D 39 -7.39 -13.59 -3.92
N MET D 40 -6.70 -12.51 -3.54
CA MET D 40 -5.24 -12.45 -3.41
C MET D 40 -4.88 -11.32 -2.46
N PRO D 41 -5.02 -11.53 -1.14
CA PRO D 41 -4.70 -10.46 -0.19
C PRO D 41 -3.31 -9.87 -0.37
N ILE D 42 -3.25 -8.55 -0.46
CA ILE D 42 -2.02 -7.81 -0.78
C ILE D 42 -1.72 -6.97 0.46
N TYR D 43 -0.72 -7.41 1.22
CA TYR D 43 -0.27 -6.74 2.44
C TYR D 43 0.74 -5.65 2.15
N MET D 44 0.72 -4.61 2.99
CA MET D 44 1.49 -3.40 2.79
C MET D 44 1.58 -2.64 4.12
N TYR D 45 2.64 -1.85 4.27
CA TYR D 45 2.82 -0.98 5.44
C TYR D 45 2.70 0.48 5.03
N SER D 46 2.25 1.31 5.96
CA SER D 46 2.04 2.72 5.66
C SER D 46 2.16 3.58 6.93
N VAL D 47 2.40 4.86 6.70
CA VAL D 47 2.41 5.89 7.75
C VAL D 47 2.02 7.21 7.11
N CYS D 48 1.12 7.95 7.75
CA CYS D 48 0.58 9.18 7.17
C CYS D 48 0.46 10.27 8.24
N ASN D 49 1.52 10.43 9.04
CA ASN D 49 1.51 11.40 10.14
C ASN D 49 2.17 12.71 9.68
N VAL D 50 1.48 13.42 8.80
CA VAL D 50 2.04 14.63 8.19
C VAL D 50 1.76 15.87 9.03
N MET D 51 0.58 15.97 9.62
CA MET D 51 0.13 17.20 10.26
C MET D 51 0.58 17.32 11.72
N SER D 52 1.56 16.51 12.14
CA SER D 52 2.02 16.54 13.53
C SER D 52 3.47 16.99 13.66
N GLY D 53 4.39 16.38 12.93
CA GLY D 53 5.79 16.67 13.09
C GLY D 53 6.36 15.98 14.32
N ASP D 54 7.67 16.15 14.51
CA ASP D 54 8.41 15.49 15.58
C ASP D 54 8.17 13.99 15.53
N GLN D 55 8.31 13.42 14.35
CA GLN D 55 7.93 12.03 14.08
C GLN D 55 9.17 11.14 14.05
N ASP D 56 9.10 10.04 14.80
CA ASP D 56 10.18 9.07 14.90
C ASP D 56 9.63 7.67 14.65
N ASN D 57 8.87 7.53 13.57
CA ASN D 57 8.22 6.25 13.26
C ASN D 57 9.23 5.32 12.62
N TRP D 58 9.28 4.08 13.10
CA TRP D 58 10.21 3.09 12.60
C TRP D 58 9.47 1.82 12.18
N LEU D 59 10.12 1.06 11.29
CA LEU D 59 9.67 -0.27 10.92
C LEU D 59 10.89 -1.13 10.68
N ARG D 60 11.07 -2.16 11.50
CA ARG D 60 12.22 -3.06 11.40
C ARG D 60 11.75 -4.40 10.86
N THR D 61 12.51 -4.94 9.91
CA THR D 61 12.19 -6.24 9.34
C THR D 61 12.72 -7.36 10.22
N ASN D 62 12.33 -8.58 9.87
CA ASN D 62 12.76 -9.77 10.60
C ASN D 62 14.19 -10.15 10.22
N TRP D 63 14.87 -10.81 11.14
CA TRP D 63 16.26 -11.20 10.93
C TRP D 63 16.39 -12.15 9.75
N VAL D 64 16.99 -11.67 8.67
CA VAL D 64 17.25 -12.48 7.49
C VAL D 64 18.56 -13.22 7.68
N TYR D 65 18.59 -14.49 7.30
CA TYR D 65 19.77 -15.32 7.46
C TYR D 65 20.73 -15.05 6.30
N ARG D 66 21.95 -14.59 6.63
CA ARG D 66 22.87 -14.14 5.59
C ARG D 66 23.24 -15.26 4.64
N GLY D 67 23.55 -16.44 5.17
CA GLY D 67 24.02 -17.51 4.31
C GLY D 67 25.32 -17.14 3.64
N GLU D 68 25.41 -17.45 2.34
CA GLU D 68 26.58 -17.13 1.53
C GLU D 68 26.49 -15.76 0.89
N ALA D 69 25.54 -14.93 1.30
CA ALA D 69 25.38 -13.61 0.69
C ALA D 69 26.52 -12.69 1.12
N GLU D 70 27.10 -11.99 0.15
CA GLU D 70 28.18 -11.04 0.42
C GLU D 70 27.80 -9.60 0.10
N ARG D 71 27.01 -9.38 -0.94
CA ARG D 71 26.42 -8.07 -1.22
C ARG D 71 24.93 -8.24 -1.43
N ILE D 72 24.12 -7.55 -0.63
CA ILE D 72 22.67 -7.62 -0.74
C ILE D 72 22.16 -6.39 -1.48
N PHE D 73 21.10 -6.60 -2.26
CA PHE D 73 20.47 -5.53 -3.02
C PHE D 73 19.04 -5.35 -2.52
N ILE D 74 18.58 -4.10 -2.46
CA ILE D 74 17.30 -3.76 -1.86
C ILE D 74 16.45 -3.07 -2.91
N GLU D 75 15.30 -3.65 -3.23
CA GLU D 75 14.40 -3.14 -4.26
C GLU D 75 13.06 -2.80 -3.61
N LEU D 76 12.83 -1.52 -3.38
CA LEU D 76 11.60 -1.05 -2.76
C LEU D 76 10.62 -0.55 -3.83
N LYS D 77 9.36 -0.92 -3.67
CA LYS D 77 8.27 -0.42 -4.50
C LYS D 77 7.31 0.34 -3.60
N PHE D 78 7.09 1.62 -3.89
CA PHE D 78 6.35 2.47 -2.96
C PHE D 78 5.70 3.62 -3.72
N THR D 79 4.80 4.31 -3.01
CA THR D 79 4.19 5.55 -3.48
C THR D 79 4.20 6.56 -2.35
N VAL D 80 4.18 7.84 -2.71
CA VAL D 80 4.25 8.94 -1.74
C VAL D 80 3.23 10.00 -2.12
N ARG D 81 2.43 10.44 -1.15
CA ARG D 81 1.48 11.52 -1.39
C ARG D 81 2.21 12.85 -1.55
N ASP D 82 1.43 13.92 -1.72
CA ASP D 82 1.96 15.18 -2.20
C ASP D 82 2.62 16.04 -1.13
N CYS D 83 2.32 15.81 0.15
CA CYS D 83 2.77 16.67 1.24
C CYS D 83 2.15 18.07 1.09
N ASN D 84 1.36 18.22 0.05
CA ASN D 84 0.76 19.48 -0.37
C ASN D 84 -0.72 19.32 -0.63
N SER D 85 -1.19 18.10 -0.92
CA SER D 85 -2.59 17.80 -1.10
C SER D 85 -3.36 17.75 0.21
N PHE D 86 -2.66 17.81 1.35
CA PHE D 86 -3.31 17.91 2.65
C PHE D 86 -3.14 19.33 3.17
N PRO D 87 -4.17 20.17 3.13
CA PRO D 87 -4.07 21.50 3.74
C PRO D 87 -3.81 21.42 5.24
N GLY D 88 -2.66 21.88 5.69
CA GLY D 88 -2.33 21.84 7.10
C GLY D 88 -0.99 21.18 7.39
N GLY D 89 -0.22 20.90 6.34
CA GLY D 89 1.12 20.37 6.49
C GLY D 89 2.14 21.44 6.79
N ALA D 90 1.73 22.43 7.58
CA ALA D 90 2.53 23.63 7.81
C ALA D 90 3.79 23.28 8.59
N SER D 91 4.93 23.25 7.90
CA SER D 91 6.24 23.04 8.52
C SER D 91 6.26 21.76 9.36
N SER D 92 5.56 20.73 8.89
CA SER D 92 5.57 19.44 9.55
C SER D 92 5.57 18.28 8.57
N CYS D 93 5.69 18.53 7.27
CA CYS D 93 5.48 17.53 6.23
C CYS D 93 6.76 17.39 5.40
N LYS D 94 7.28 16.17 5.35
CA LYS D 94 8.40 15.83 4.47
C LYS D 94 8.00 14.70 3.53
N GLU D 95 8.82 14.48 2.50
CA GLU D 95 8.49 13.54 1.44
C GLU D 95 9.56 12.47 1.23
N THR D 96 10.44 12.27 2.21
CA THR D 96 11.52 11.29 2.09
C THR D 96 11.57 10.41 3.32
N PHE D 97 11.96 9.15 3.11
CA PHE D 97 12.20 8.20 4.18
C PHE D 97 13.66 7.75 4.13
N ASN D 98 14.20 7.41 5.29
CA ASN D 98 15.60 7.03 5.43
C ASN D 98 15.71 5.52 5.61
N LEU D 99 16.57 4.89 4.80
CA LEU D 99 16.76 3.45 4.82
C LEU D 99 17.99 3.11 5.64
N TYR D 100 17.82 2.25 6.65
CA TYR D 100 18.88 1.84 7.55
C TYR D 100 19.17 0.36 7.39
N TYR D 101 20.15 -0.12 8.16
CA TYR D 101 20.51 -1.53 8.19
C TYR D 101 21.39 -1.78 9.41
N ALA D 102 21.27 -2.97 9.99
CA ALA D 102 22.11 -3.38 11.11
C ALA D 102 22.54 -4.83 10.89
N GLU D 103 23.79 -5.12 11.30
CA GLU D 103 24.38 -6.44 11.11
C GLU D 103 24.51 -7.13 12.46
N SER D 104 23.94 -8.33 12.58
CA SER D 104 23.95 -9.08 13.83
C SER D 104 24.19 -10.56 13.54
N ASP D 105 24.85 -11.23 14.49
CA ASP D 105 25.05 -12.67 14.39
C ASP D 105 23.90 -13.48 14.95
N LEU D 106 22.99 -12.85 15.70
CA LEU D 106 21.90 -13.55 16.35
C LEU D 106 20.63 -12.73 16.20
N ASP D 107 19.51 -13.40 15.93
CA ASP D 107 18.23 -12.72 15.84
C ASP D 107 17.77 -12.26 17.22
N TYR D 108 17.40 -10.99 17.33
CA TYR D 108 16.90 -10.44 18.58
C TYR D 108 15.39 -10.25 18.56
N GLY D 109 14.87 -9.39 17.69
CA GLY D 109 13.44 -9.20 17.60
C GLY D 109 12.83 -8.41 18.74
N THR D 110 11.88 -7.53 18.44
CA THR D 110 11.07 -6.79 19.42
C THR D 110 11.90 -6.04 20.46
N ASN D 111 13.20 -5.88 20.20
CA ASN D 111 14.12 -5.15 21.06
C ASN D 111 14.91 -4.16 20.23
N PHE D 112 14.25 -3.61 19.22
CA PHE D 112 14.81 -2.58 18.36
C PHE D 112 15.43 -1.45 19.16
N GLN D 113 16.74 -1.30 19.00
CA GLN D 113 17.53 -0.30 19.72
C GLN D 113 17.86 0.77 18.70
N LYS D 114 17.15 1.91 18.80
CA LYS D 114 17.30 3.06 17.90
C LYS D 114 18.75 3.33 17.54
N ARG D 115 19.63 3.24 18.54
CA ARG D 115 21.05 3.46 18.36
C ARG D 115 21.66 2.57 17.28
N LEU D 116 21.64 1.24 17.49
CA LEU D 116 22.44 0.34 16.68
C LEU D 116 21.78 0.08 15.32
N PHE D 117 21.88 1.09 14.46
CA PHE D 117 21.41 0.95 13.08
C PHE D 117 22.15 1.95 12.20
N THR D 118 22.98 1.45 11.30
CA THR D 118 23.71 2.29 10.36
C THR D 118 22.84 2.57 9.14
N LYS D 119 22.99 3.77 8.59
CA LYS D 119 22.13 4.23 7.51
C LYS D 119 22.82 4.04 6.15
N ILE D 120 22.02 3.69 5.15
CA ILE D 120 22.52 3.50 3.79
C ILE D 120 22.40 4.81 3.02
N ASP D 121 21.16 5.30 2.88
CA ASP D 121 20.87 6.54 2.16
C ASP D 121 19.40 6.87 2.38
N THR D 122 19.08 8.16 2.25
CA THR D 122 17.72 8.64 2.31
C THR D 122 17.08 8.54 0.92
N ILE D 123 16.05 7.70 0.81
CA ILE D 123 15.38 7.48 -0.46
C ILE D 123 14.31 8.56 -0.63
N ALA D 124 13.88 8.76 -1.88
CA ALA D 124 12.82 9.70 -2.17
C ALA D 124 12.09 9.25 -3.43
N PRO D 125 10.79 9.55 -3.54
CA PRO D 125 10.04 9.13 -4.72
C PRO D 125 10.42 9.92 -5.96
N ASP D 126 10.39 9.25 -7.11
CA ASP D 126 10.50 9.92 -8.40
C ASP D 126 9.16 10.26 -9.01
N GLU D 127 8.05 9.79 -8.42
CA GLU D 127 6.71 10.18 -8.81
C GLU D 127 5.89 10.43 -7.55
N ILE D 128 5.14 11.53 -7.53
CA ILE D 128 4.37 11.93 -6.36
C ILE D 128 2.89 11.59 -6.60
N THR D 129 2.29 10.90 -5.65
CA THR D 129 0.87 10.51 -5.73
C THR D 129 0.00 11.72 -5.43
N VAL D 130 -0.65 12.26 -6.47
CA VAL D 130 -1.55 13.39 -6.35
C VAL D 130 -2.94 12.94 -6.78
N SER D 131 -3.96 13.39 -6.05
CA SER D 131 -5.34 12.99 -6.32
C SER D 131 -6.28 13.92 -5.59
N SER D 132 -7.50 14.04 -6.12
CA SER D 132 -8.50 14.90 -5.48
C SER D 132 -9.17 14.17 -4.32
N ASP D 133 -9.55 12.91 -4.52
CA ASP D 133 -10.20 12.17 -3.44
C ASP D 133 -9.20 11.87 -2.34
N PHE D 134 -9.68 11.89 -1.10
CA PHE D 134 -8.81 11.62 0.04
C PHE D 134 -8.24 10.21 -0.02
N GLU D 135 -8.99 9.24 -0.57
CA GLU D 135 -8.54 7.86 -0.66
C GLU D 135 -7.46 7.62 -1.71
N ALA D 136 -7.16 8.60 -2.56
CA ALA D 136 -6.10 8.46 -3.59
C ALA D 136 -6.41 7.30 -4.55
N ARG D 137 -7.43 7.57 -5.35
CA ARG D 137 -7.96 6.72 -6.41
C ARG D 137 -7.00 5.85 -7.23
N HIS D 138 -5.80 6.27 -7.58
CA HIS D 138 -5.08 5.38 -8.49
C HIS D 138 -3.72 5.20 -7.86
N VAL D 139 -2.69 4.82 -8.61
CA VAL D 139 -1.43 4.69 -7.89
C VAL D 139 -0.27 5.05 -8.80
N LYS D 140 0.84 5.43 -8.20
CA LYS D 140 2.08 5.72 -8.91
C LYS D 140 3.21 4.96 -8.23
N LEU D 141 3.68 3.89 -8.88
CA LEU D 141 4.66 2.99 -8.27
C LEU D 141 6.08 3.50 -8.51
N ASN D 142 6.72 3.99 -7.45
CA ASN D 142 8.14 4.31 -7.49
C ASN D 142 8.98 3.04 -7.34
N VAL D 143 10.12 3.01 -8.03
CA VAL D 143 11.03 1.87 -8.01
C VAL D 143 12.45 2.40 -7.88
N GLU D 144 13.06 2.24 -6.72
CA GLU D 144 14.45 2.61 -6.50
C GLU D 144 15.19 1.47 -5.81
N GLU D 145 16.51 1.41 -6.03
CA GLU D 145 17.31 0.26 -5.63
C GLU D 145 18.65 0.70 -5.07
N ARG D 146 19.01 0.17 -3.89
CA ARG D 146 20.31 0.38 -3.28
C ARG D 146 20.94 -0.96 -2.92
N SER D 147 22.24 -0.92 -2.61
CA SER D 147 22.97 -2.09 -2.16
C SER D 147 23.92 -1.68 -1.03
N VAL D 148 24.18 -2.62 -0.13
CA VAL D 148 25.11 -2.41 0.99
C VAL D 148 25.97 -3.65 1.13
N GLY D 149 27.27 -3.45 1.30
CA GLY D 149 28.19 -4.55 1.48
C GLY D 149 29.61 -4.09 1.75
N PRO D 150 30.49 -5.03 2.10
CA PRO D 150 30.23 -6.47 2.29
C PRO D 150 29.59 -6.74 3.64
N LEU D 151 28.88 -7.85 3.80
CA LEU D 151 28.26 -8.20 5.06
C LEU D 151 29.13 -9.18 5.82
N THR D 152 29.11 -9.08 7.16
CA THR D 152 30.06 -9.80 8.00
C THR D 152 29.42 -10.82 8.93
N ARG D 153 28.25 -10.53 9.48
CA ARG D 153 27.68 -11.36 10.53
C ARG D 153 26.80 -12.45 9.93
N LYS D 154 26.18 -13.25 10.79
CA LYS D 154 25.32 -14.34 10.36
C LYS D 154 23.95 -13.87 9.90
N GLY D 155 23.69 -12.57 9.94
CA GLY D 155 22.42 -12.05 9.49
C GLY D 155 22.43 -10.53 9.52
N PHE D 156 21.26 -9.96 9.29
CA PHE D 156 21.14 -8.51 9.23
C PHE D 156 19.69 -8.11 9.51
N TYR D 157 19.50 -6.81 9.70
CA TYR D 157 18.17 -6.22 9.86
C TYR D 157 18.04 -5.06 8.90
N LEU D 158 16.82 -4.85 8.42
CA LEU D 158 16.49 -3.68 7.63
C LEU D 158 15.58 -2.78 8.44
N ALA D 159 15.65 -1.47 8.19
CA ALA D 159 14.87 -0.51 8.95
C ALA D 159 14.32 0.55 8.01
N PHE D 160 13.23 1.19 8.44
CA PHE D 160 12.54 2.21 7.66
C PHE D 160 12.11 3.31 8.62
N GLN D 161 12.83 4.43 8.58
CA GLN D 161 12.58 5.56 9.47
C GLN D 161 11.80 6.65 8.74
N ASP D 162 10.76 7.16 9.39
CA ASP D 162 9.88 8.18 8.81
C ASP D 162 9.88 9.41 9.70
N ILE D 163 9.86 10.58 9.08
CA ILE D 163 9.85 11.86 9.78
C ILE D 163 8.51 12.58 9.55
N GLY D 164 7.46 11.84 9.23
CA GLY D 164 6.15 12.43 9.07
C GLY D 164 5.71 12.53 7.62
N ALA D 165 6.04 11.50 6.84
CA ALA D 165 5.68 11.46 5.43
C ALA D 165 4.52 10.48 5.21
N CYS D 166 3.73 10.75 4.17
CA CYS D 166 2.64 9.88 3.76
C CYS D 166 3.16 8.98 2.64
N VAL D 167 3.77 7.86 3.03
CA VAL D 167 4.35 6.91 2.09
C VAL D 167 3.55 5.62 2.12
N ALA D 168 3.59 4.89 1.01
CA ALA D 168 2.88 3.62 0.88
C ALA D 168 3.89 2.57 0.44
N LEU D 169 4.41 1.79 1.39
CA LEU D 169 5.36 0.73 1.09
C LEU D 169 4.61 -0.49 0.59
N LEU D 170 4.91 -0.94 -0.63
CA LEU D 170 4.20 -2.06 -1.24
C LEU D 170 5.02 -3.34 -1.30
N SER D 171 6.34 -3.26 -1.44
CA SER D 171 7.16 -4.45 -1.47
C SER D 171 8.57 -4.11 -1.01
N VAL D 172 9.26 -5.13 -0.49
CA VAL D 172 10.68 -5.03 -0.12
C VAL D 172 11.35 -6.34 -0.50
N ARG D 173 12.29 -6.28 -1.44
CA ARG D 173 13.04 -7.44 -1.87
C ARG D 173 14.51 -7.27 -1.51
N VAL D 174 15.11 -8.33 -0.98
CA VAL D 174 16.54 -8.36 -0.66
C VAL D 174 17.13 -9.60 -1.31
N TYR D 175 18.10 -9.39 -2.21
CA TYR D 175 18.70 -10.48 -2.95
C TYR D 175 20.20 -10.24 -3.11
N TYR D 176 20.91 -11.28 -3.52
CA TYR D 176 22.32 -11.20 -3.86
C TYR D 176 22.57 -11.93 -5.17
N LYS D 177 23.57 -11.47 -5.91
CA LYS D 177 23.85 -11.99 -7.24
C LYS D 177 24.69 -13.25 -7.16
N LYS D 178 24.64 -14.04 -8.25
CA LYS D 178 25.35 -15.30 -8.32
C LYS D 178 25.61 -15.64 -9.79
N CYS D 179 26.84 -16.04 -10.10
CA CYS D 179 27.20 -16.36 -11.47
C CYS D 179 26.65 -17.73 -11.86
N PRO D 180 25.83 -17.84 -12.92
CA PRO D 180 24.96 -19.01 -13.14
C PRO D 180 25.52 -20.16 -14.00
N GLU D 181 26.53 -20.85 -13.49
CA GLU D 181 26.91 -22.19 -13.96
C GLU D 181 27.04 -22.27 -15.49
N LEU D 182 28.08 -21.63 -16.01
CA LEU D 182 28.30 -21.74 -17.44
C LEU D 182 28.95 -23.09 -17.80
N LEU D 183 28.75 -23.48 -19.07
CA LEU D 183 29.23 -24.76 -19.57
C LEU D 183 29.97 -24.64 -20.89
N GLN D 184 30.14 -23.42 -21.41
CA GLN D 184 30.81 -23.16 -22.68
C GLN D 184 32.31 -23.42 -22.58
N GLY D 185 32.91 -23.65 -23.74
CA GLY D 185 34.34 -23.94 -23.81
C GLY D 185 34.71 -25.35 -23.43
N LEU D 186 33.79 -26.30 -23.60
CA LEU D 186 34.01 -27.70 -23.24
C LEU D 186 34.43 -27.84 -21.77
N ALA D 187 34.03 -26.89 -20.94
CA ALA D 187 34.35 -26.91 -19.53
C ALA D 187 33.12 -26.52 -18.72
N HIS D 188 32.82 -27.31 -17.69
CA HIS D 188 31.66 -27.08 -16.82
C HIS D 188 32.11 -26.23 -15.63
N PHE D 189 31.80 -24.93 -15.68
CA PHE D 189 32.09 -24.02 -14.56
C PHE D 189 30.92 -24.00 -13.57
N PRO D 190 31.15 -24.29 -12.29
CA PRO D 190 30.04 -24.29 -11.33
C PRO D 190 29.56 -22.88 -11.02
N GLU D 191 28.34 -22.81 -10.49
CA GLU D 191 27.72 -21.54 -10.12
C GLU D 191 28.32 -21.01 -8.82
N THR D 192 28.71 -19.72 -8.83
CA THR D 192 29.45 -19.11 -7.74
C THR D 192 28.74 -17.82 -7.32
N ILE D 193 29.26 -17.19 -6.26
CA ILE D 193 28.62 -16.03 -5.62
C ILE D 193 29.20 -14.75 -6.20
N ALA D 194 28.48 -13.65 -5.98
CA ALA D 194 28.94 -12.34 -6.40
C ALA D 194 29.92 -11.75 -5.39
N GLY D 195 30.56 -10.64 -5.77
CA GLY D 195 31.48 -9.94 -4.91
C GLY D 195 30.90 -8.67 -4.31
N SER D 196 31.74 -7.97 -3.55
CA SER D 196 31.29 -6.77 -2.84
C SER D 196 31.27 -5.55 -3.74
N ASP D 197 32.46 -5.07 -4.14
CA ASP D 197 32.56 -3.95 -5.07
C ASP D 197 33.85 -4.08 -5.87
N ALA D 198 33.74 -3.81 -7.18
CA ALA D 198 34.86 -3.80 -8.13
C ALA D 198 35.81 -4.98 -7.97
N PRO D 199 35.31 -6.22 -7.79
CA PRO D 199 36.22 -7.33 -7.48
C PRO D 199 36.60 -8.17 -8.68
N SER D 200 37.61 -9.03 -8.49
CA SER D 200 37.99 -10.06 -9.45
C SER D 200 37.38 -11.40 -9.06
N LEU D 201 36.22 -11.34 -8.41
CA LEU D 201 35.78 -12.31 -7.41
C LEU D 201 35.89 -13.77 -7.83
N ALA D 202 36.78 -14.51 -7.17
CA ALA D 202 36.82 -15.97 -7.21
C ALA D 202 36.73 -16.52 -8.63
N THR D 203 37.81 -16.35 -9.38
CA THR D 203 37.84 -16.73 -10.80
C THR D 203 37.82 -18.26 -10.90
N VAL D 204 36.61 -18.79 -10.70
CA VAL D 204 36.35 -20.22 -10.58
C VAL D 204 36.74 -20.95 -11.86
N ALA D 205 37.56 -21.98 -11.72
CA ALA D 205 38.04 -22.76 -12.86
C ALA D 205 36.93 -23.66 -13.37
N GLY D 206 37.16 -24.27 -14.54
CA GLY D 206 36.17 -25.14 -15.14
C GLY D 206 36.47 -26.62 -14.96
N THR D 207 35.49 -27.43 -15.39
CA THR D 207 35.57 -28.89 -15.36
C THR D 207 35.43 -29.40 -16.78
N CYS D 208 36.51 -30.00 -17.30
CA CYS D 208 36.52 -30.55 -18.64
C CYS D 208 35.35 -31.50 -18.87
N VAL D 209 34.56 -31.22 -19.91
CA VAL D 209 33.38 -32.02 -20.25
C VAL D 209 33.87 -33.36 -20.76
N ASP D 210 32.94 -34.29 -20.98
CA ASP D 210 33.30 -35.64 -21.41
C ASP D 210 34.24 -35.63 -22.62
N HIS D 211 35.30 -36.43 -22.51
CA HIS D 211 36.29 -36.60 -23.58
C HIS D 211 37.00 -35.30 -23.96
N ALA D 212 37.00 -34.32 -23.07
CA ALA D 212 37.74 -33.08 -23.25
C ALA D 212 38.93 -33.03 -22.29
N VAL D 213 40.08 -32.66 -22.81
CA VAL D 213 41.33 -32.61 -22.04
C VAL D 213 42.02 -31.29 -22.31
N VAL D 214 42.55 -30.68 -21.26
CA VAL D 214 43.34 -29.45 -21.40
C VAL D 214 44.59 -29.75 -22.23
N PRO D 215 44.95 -28.92 -23.20
CA PRO D 215 46.19 -29.14 -23.96
C PRO D 215 47.39 -29.21 -23.04
N PRO D 216 48.31 -30.15 -23.28
CA PRO D 216 49.51 -30.25 -22.42
C PRO D 216 50.21 -28.92 -22.19
N GLY D 217 50.55 -28.20 -23.26
CA GLY D 217 51.14 -26.89 -23.12
C GLY D 217 50.12 -25.77 -23.17
N GLY D 218 49.13 -25.83 -22.27
CA GLY D 218 48.08 -24.84 -22.26
C GLY D 218 47.59 -24.55 -20.86
N GLU D 219 47.00 -23.37 -20.70
CA GLU D 219 46.48 -22.94 -19.41
C GLU D 219 45.16 -23.65 -19.10
N GLU D 220 44.88 -23.80 -17.81
CA GLU D 220 43.65 -24.46 -17.41
C GLU D 220 42.46 -23.49 -17.54
N PRO D 221 41.28 -24.02 -17.84
CA PRO D 221 40.12 -23.13 -18.03
C PRO D 221 39.74 -22.42 -16.73
N ARG D 222 39.59 -21.10 -16.82
CA ARG D 222 39.20 -20.29 -15.67
C ARG D 222 38.40 -19.10 -16.17
N MET D 223 37.30 -18.79 -15.45
CA MET D 223 36.44 -17.68 -15.80
C MET D 223 36.19 -16.83 -14.57
N HIS D 224 36.23 -15.51 -14.74
CA HIS D 224 36.16 -14.57 -13.63
C HIS D 224 34.71 -14.19 -13.36
N CYS D 225 34.17 -14.67 -12.24
CA CYS D 225 32.86 -14.22 -11.76
C CYS D 225 32.97 -12.81 -11.19
N ALA D 226 31.95 -12.00 -11.41
CA ALA D 226 31.99 -10.57 -11.10
C ALA D 226 30.93 -10.23 -10.06
N VAL D 227 30.93 -8.95 -9.67
CA VAL D 227 30.02 -8.48 -8.62
C VAL D 227 28.57 -8.51 -9.09
N ASP D 228 28.33 -8.22 -10.37
CA ASP D 228 26.96 -8.18 -10.87
C ASP D 228 26.33 -9.56 -10.99
N GLY D 229 27.10 -10.63 -10.82
CA GLY D 229 26.61 -11.97 -11.05
C GLY D 229 26.85 -12.50 -12.44
N GLU D 230 27.67 -11.83 -13.23
CA GLU D 230 27.93 -12.22 -14.61
C GLU D 230 29.32 -12.85 -14.71
N TRP D 231 29.42 -13.97 -15.42
CA TRP D 231 30.72 -14.51 -15.75
C TRP D 231 31.45 -13.58 -16.71
N LEU D 232 32.77 -13.70 -16.76
CA LEU D 232 33.57 -12.80 -17.56
C LEU D 232 34.87 -13.47 -17.99
N VAL D 233 35.44 -12.92 -19.06
CA VAL D 233 36.83 -13.10 -19.51
C VAL D 233 37.31 -14.54 -19.39
N PRO D 234 36.87 -15.44 -20.27
CA PRO D 234 37.39 -16.82 -20.23
C PRO D 234 38.90 -16.85 -20.41
N ILE D 235 39.57 -17.55 -19.51
CA ILE D 235 41.01 -17.76 -19.57
C ILE D 235 41.25 -19.26 -19.54
N GLY D 236 41.87 -19.79 -20.59
CA GLY D 236 42.03 -21.23 -20.74
C GLY D 236 40.77 -21.88 -21.25
N GLN D 237 40.88 -23.17 -21.56
CA GLN D 237 39.77 -23.92 -22.13
C GLN D 237 40.09 -25.40 -22.06
N CYS D 238 39.05 -26.22 -22.24
CA CYS D 238 39.21 -27.64 -22.44
C CYS D 238 39.08 -27.95 -23.93
N LEU D 239 39.83 -28.94 -24.38
CA LEU D 239 39.86 -29.33 -25.79
C LEU D 239 39.52 -30.80 -25.93
N CYS D 240 38.74 -31.11 -26.96
CA CYS D 240 38.37 -32.50 -27.24
C CYS D 240 39.61 -33.35 -27.45
N GLN D 241 39.65 -34.51 -26.79
CA GLN D 241 40.82 -35.36 -26.80
C GLN D 241 40.99 -36.02 -28.17
N ALA D 242 42.06 -36.81 -28.30
CA ALA D 242 42.29 -37.57 -29.51
C ALA D 242 41.13 -38.55 -29.75
N GLY D 243 40.70 -38.64 -31.01
CA GLY D 243 39.59 -39.50 -31.37
C GLY D 243 38.22 -38.88 -31.18
N TYR D 244 38.15 -37.59 -30.84
CA TYR D 244 36.89 -36.93 -30.56
C TYR D 244 36.88 -35.56 -31.22
N GLU D 245 35.67 -35.07 -31.53
CA GLU D 245 35.49 -33.78 -32.16
C GLU D 245 34.42 -33.00 -31.41
N LYS D 246 34.50 -31.68 -31.53
CA LYS D 246 33.57 -30.80 -30.82
C LYS D 246 32.23 -30.78 -31.54
N VAL D 247 31.24 -31.48 -30.98
CA VAL D 247 29.87 -31.46 -31.47
C VAL D 247 29.04 -30.77 -30.40
N GLU D 248 28.60 -29.54 -30.69
CA GLU D 248 27.90 -28.68 -29.72
C GLU D 248 28.89 -28.43 -28.58
N ASP D 249 28.47 -28.52 -27.31
CA ASP D 249 29.36 -28.28 -26.18
C ASP D 249 29.77 -29.59 -25.49
N ALA D 250 29.92 -30.66 -26.27
CA ALA D 250 30.35 -31.95 -25.73
C ALA D 250 31.19 -32.65 -26.79
N CYS D 251 32.23 -33.34 -26.34
CA CYS D 251 33.09 -34.07 -27.25
C CYS D 251 32.40 -35.33 -27.73
N GLN D 252 32.35 -35.51 -29.04
CA GLN D 252 31.68 -36.66 -29.66
C GLN D 252 32.68 -37.47 -30.45
N ALA D 253 32.47 -38.79 -30.47
CA ALA D 253 33.39 -39.68 -31.17
C ALA D 253 33.36 -39.41 -32.67
N CYS D 254 34.51 -39.58 -33.32
CA CYS D 254 34.58 -39.42 -34.76
C CYS D 254 33.68 -40.44 -35.45
N SER D 255 32.94 -39.98 -36.46
CA SER D 255 32.09 -40.88 -37.22
C SER D 255 32.95 -41.87 -37.99
N PRO D 256 32.39 -43.05 -38.31
CA PRO D 256 33.16 -44.04 -39.06
C PRO D 256 33.71 -43.44 -40.37
N GLY D 257 34.98 -43.74 -40.63
CA GLY D 257 35.69 -43.10 -41.73
C GLY D 257 36.40 -41.81 -41.37
N PHE D 258 36.46 -41.47 -40.08
CA PHE D 258 37.07 -40.22 -39.63
C PHE D 258 37.97 -40.52 -38.43
N PHE D 259 38.97 -39.65 -38.23
CA PHE D 259 39.90 -39.80 -37.12
C PHE D 259 40.20 -38.43 -36.54
N LYS D 260 40.69 -38.41 -35.30
CA LYS D 260 41.03 -37.16 -34.64
C LYS D 260 42.27 -37.32 -33.75
N PHE D 261 43.36 -37.86 -34.31
CA PHE D 261 44.56 -38.07 -33.49
C PHE D 261 44.98 -36.78 -32.81
N GLU D 262 45.00 -35.67 -33.54
CA GLU D 262 45.35 -34.39 -32.93
C GLU D 262 44.30 -34.08 -31.86
N ALA D 263 44.69 -34.13 -30.59
CA ALA D 263 43.75 -33.89 -29.50
C ALA D 263 43.35 -32.41 -29.52
N SER D 264 42.19 -32.12 -30.10
CA SER D 264 41.71 -30.75 -30.21
C SER D 264 40.20 -30.77 -30.43
N GLU D 265 39.58 -29.60 -30.27
CA GLU D 265 38.17 -29.43 -30.58
C GLU D 265 37.90 -29.37 -32.08
N SER D 266 38.94 -29.28 -32.91
CA SER D 266 38.77 -29.21 -34.34
C SER D 266 37.99 -30.43 -34.83
N PRO D 267 37.17 -30.26 -35.87
CA PRO D 267 36.36 -31.38 -36.36
C PRO D 267 37.22 -32.55 -36.80
N CYS D 268 36.56 -33.68 -37.01
CA CYS D 268 37.24 -34.91 -37.39
C CYS D 268 37.96 -34.74 -38.73
N LEU D 269 39.23 -35.13 -38.75
CA LEU D 269 40.01 -35.12 -39.98
C LEU D 269 39.69 -36.37 -40.80
N GLU D 270 39.67 -36.20 -42.12
CA GLU D 270 39.35 -37.31 -43.01
C GLU D 270 40.54 -38.25 -43.17
N CYS D 271 40.21 -39.54 -43.30
CA CYS D 271 41.22 -40.58 -43.46
C CYS D 271 42.11 -40.31 -44.66
N PRO D 272 43.44 -40.34 -44.50
CA PRO D 272 44.33 -39.98 -45.61
C PRO D 272 44.28 -40.99 -46.75
N GLU D 273 45.13 -40.80 -47.75
CA GLU D 273 45.07 -41.63 -48.95
C GLU D 273 45.37 -43.10 -48.63
N HIS D 274 44.72 -43.98 -49.38
CA HIS D 274 45.03 -45.42 -49.39
C HIS D 274 44.99 -46.04 -47.99
N THR D 275 43.90 -45.80 -47.26
CA THR D 275 43.76 -46.33 -45.91
C THR D 275 42.37 -46.93 -45.69
N LEU D 276 42.31 -48.05 -44.97
CA LEU D 276 41.03 -48.67 -44.64
C LEU D 276 40.19 -47.68 -43.84
N PRO D 277 38.88 -47.60 -44.10
CA PRO D 277 38.03 -46.69 -43.32
C PRO D 277 38.19 -46.90 -41.82
N SER D 278 38.76 -45.92 -41.14
CA SER D 278 38.98 -46.00 -39.71
C SER D 278 37.64 -46.08 -38.97
N PRO D 279 37.50 -46.95 -37.98
CA PRO D 279 36.20 -47.10 -37.30
C PRO D 279 35.82 -45.87 -36.49
N GLU D 280 34.67 -45.94 -35.81
CA GLU D 280 34.15 -44.81 -35.05
C GLU D 280 35.10 -44.37 -33.96
N GLY D 281 35.21 -43.04 -33.78
CA GLY D 281 36.02 -42.50 -32.71
C GLY D 281 37.49 -42.78 -32.84
N ALA D 282 37.98 -42.94 -34.06
CA ALA D 282 39.36 -43.34 -34.27
C ALA D 282 40.35 -42.25 -33.87
N THR D 283 41.50 -42.71 -33.37
CA THR D 283 42.70 -41.90 -33.13
C THR D 283 43.48 -42.02 -34.41
N SER D 284 44.81 -41.84 -34.36
CA SER D 284 45.63 -42.00 -35.56
C SER D 284 45.14 -43.16 -36.41
N CYS D 285 45.18 -42.99 -37.72
CA CYS D 285 44.53 -43.91 -38.63
C CYS D 285 45.30 -45.22 -38.71
N GLU D 286 44.64 -46.31 -38.34
CA GLU D 286 45.23 -47.63 -38.57
C GLU D 286 45.49 -47.77 -40.07
N CYS D 287 46.70 -48.19 -40.40
CA CYS D 287 47.09 -48.28 -41.79
C CYS D 287 46.25 -49.35 -42.48
N GLU D 288 46.37 -49.43 -43.80
CA GLU D 288 45.52 -50.32 -44.56
C GLU D 288 46.28 -51.59 -44.91
N GLU D 289 45.51 -52.63 -45.27
CA GLU D 289 46.05 -53.94 -45.61
C GLU D 289 47.14 -53.80 -46.67
N GLY D 290 48.38 -54.11 -46.30
CA GLY D 290 49.52 -53.91 -47.15
C GLY D 290 50.14 -52.54 -47.09
N PHE D 291 49.38 -51.52 -46.68
CA PHE D 291 49.90 -50.16 -46.54
C PHE D 291 50.52 -49.97 -45.17
N PHE D 292 51.71 -49.38 -45.15
CA PHE D 292 52.47 -49.19 -43.92
C PHE D 292 52.83 -47.72 -43.76
N ARG D 293 52.79 -47.24 -42.51
CA ARG D 293 53.15 -45.86 -42.21
C ARG D 293 54.66 -45.67 -42.25
N MET D 301 48.55 -38.74 -42.30
CA MET D 301 49.51 -38.92 -43.40
C MET D 301 49.25 -40.23 -44.14
N PRO D 302 49.20 -40.16 -45.47
CA PRO D 302 48.96 -41.38 -46.25
C PRO D 302 49.95 -42.48 -45.88
N CYS D 303 49.45 -43.69 -45.71
CA CYS D 303 50.31 -44.85 -45.45
C CYS D 303 51.25 -45.05 -46.64
N THR D 304 52.55 -44.83 -46.42
CA THR D 304 53.54 -44.87 -47.49
C THR D 304 53.29 -46.05 -48.41
N LEU D 305 52.94 -45.74 -49.66
CA LEU D 305 52.52 -46.72 -50.65
C LEU D 305 53.50 -47.88 -50.81
MG MG E . 14.14 7.42 -9.37
MG MG F . 21.03 10.09 -1.38
#